data_3US0
#
_entry.id   3US0
#
_cell.length_a   141.806
_cell.length_b   141.806
_cell.length_c   119.604
_cell.angle_alpha   90.00
_cell.angle_beta   90.00
_cell.angle_gamma   120.00
#
_symmetry.space_group_name_H-M   'P 63'
#
loop_
_entity.id
_entity.type
_entity.pdbx_description
1 polymer 'Tumor protein 63'
2 polymer "5'-D(*AP*AP*AP*CP*AP*TP*GP*TP*TP*TP*AP*TP*AP*AP*AP*CP*AP*TP*GP*TP*TP*T)-3'"
3 non-polymer 'ZINC ION'
4 water water
#
loop_
_entity_poly.entity_id
_entity_poly.type
_entity_poly.pdbx_seq_one_letter_code
_entity_poly.pdbx_strand_id
1 'polypeptide(L)'
;GSHMASPSNTDYPGPHSFDVSFQQSSTAKSATWTYSTELKKLYCQIAKTCPIQIKVMTPPPQGAVIRAMPVYKKAEHVTE
VVKRCPNHELSREFNEGQIAPPSHLIRVEGNSHAQYVEDPITGRQSVLVPYEPPQVGTEFTTVLYNFMCNSSCVGGMNRR
PILIIVTLETRDGQVLGRRCFEARICACPGRDRKADEDSIRKQ
;
A,B,C,D
2 'polydeoxyribonucleotide'
;(DA)(DA)(DA)(DC)(DA)(DT)(DG)(DT)(DT)(DT)(DA)(DT)(DA)(DA)(DA)(DC)(DA)(DT)(DG)(DT)
(DT)(DT)
;
E,F
#
loop_
_chem_comp.id
_chem_comp.type
_chem_comp.name
_chem_comp.formula
DA DNA linking 2'-DEOXYADENOSINE-5'-MONOPHOSPHATE 'C10 H14 N5 O6 P'
DC DNA linking 2'-DEOXYCYTIDINE-5'-MONOPHOSPHATE 'C9 H14 N3 O7 P'
DG DNA linking 2'-DEOXYGUANOSINE-5'-MONOPHOSPHATE 'C10 H14 N5 O7 P'
DT DNA linking THYMIDINE-5'-MONOPHOSPHATE 'C10 H15 N2 O8 P'
ZN non-polymer 'ZINC ION' 'Zn 2'
#
# COMPACT_ATOMS: atom_id res chain seq x y z
N SER A 6 -13.58 -22.10 -12.34
CA SER A 6 -12.29 -22.52 -12.89
C SER A 6 -12.23 -24.03 -13.24
N PRO A 7 -11.45 -24.38 -14.29
CA PRO A 7 -11.35 -25.76 -14.76
C PRO A 7 -10.56 -26.66 -13.82
N SER A 8 -10.90 -27.95 -13.85
CA SER A 8 -10.28 -28.92 -12.96
C SER A 8 -8.79 -29.18 -13.27
N ASN A 9 -8.02 -29.39 -12.21
CA ASN A 9 -6.60 -29.64 -12.33
C ASN A 9 -6.25 -30.88 -11.52
N THR A 10 -7.16 -31.84 -11.47
CA THR A 10 -6.95 -33.05 -10.68
C THR A 10 -6.58 -34.27 -11.53
N ASP A 11 -5.50 -34.96 -11.14
CA ASP A 11 -5.09 -36.15 -11.88
C ASP A 11 -6.22 -37.18 -11.99
N TYR A 12 -6.63 -37.46 -13.21
CA TYR A 12 -7.66 -38.43 -13.47
C TYR A 12 -7.24 -39.26 -14.71
N PRO A 13 -6.57 -40.40 -14.45
CA PRO A 13 -6.03 -41.29 -15.46
C PRO A 13 -7.08 -41.79 -16.40
N GLY A 14 -8.27 -42.10 -15.85
CA GLY A 14 -9.39 -42.57 -16.65
C GLY A 14 -9.32 -43.93 -17.38
N PRO A 15 -10.34 -44.20 -18.19
CA PRO A 15 -10.51 -45.43 -18.96
C PRO A 15 -9.34 -45.78 -19.86
N HIS A 16 -8.35 -44.90 -20.03
CA HIS A 16 -7.25 -45.26 -20.94
C HIS A 16 -5.92 -45.10 -20.26
N SER A 17 -5.94 -45.14 -18.94
CA SER A 17 -4.72 -44.97 -18.17
C SER A 17 -3.87 -43.90 -18.85
N PHE A 18 -4.49 -42.75 -19.10
CA PHE A 18 -3.82 -41.63 -19.76
C PHE A 18 -2.59 -41.09 -18.99
N ASP A 19 -1.45 -40.96 -19.66
CA ASP A 19 -0.28 -40.46 -18.97
C ASP A 19 0.60 -39.47 -19.75
N VAL A 20 1.05 -38.42 -19.05
CA VAL A 20 1.95 -37.44 -19.63
C VAL A 20 3.29 -37.51 -18.94
N SER A 21 4.34 -37.50 -19.73
CA SER A 21 5.65 -37.58 -19.15
C SER A 21 6.63 -36.95 -20.10
N PHE A 22 7.82 -36.70 -19.55
CA PHE A 22 8.92 -36.09 -20.26
C PHE A 22 10.10 -37.05 -20.42
N GLN A 23 10.60 -37.18 -21.65
CA GLN A 23 11.80 -37.98 -21.92
C GLN A 23 12.96 -37.37 -21.16
N GLN A 24 14.10 -38.07 -21.18
CA GLN A 24 15.30 -37.62 -20.47
C GLN A 24 15.61 -36.13 -20.68
N SER A 25 15.70 -35.42 -19.56
CA SER A 25 15.97 -33.98 -19.55
C SER A 25 17.47 -33.79 -19.55
N SER A 26 18.09 -33.76 -20.73
CA SER A 26 19.53 -33.62 -20.83
C SER A 26 20.05 -32.62 -19.82
N THR A 27 20.54 -33.12 -18.68
CA THR A 27 21.07 -32.28 -17.62
C THR A 27 22.33 -31.52 -18.05
N ALA A 28 22.59 -31.51 -19.36
CA ALA A 28 23.73 -30.80 -19.92
C ALA A 28 23.51 -29.28 -19.79
N LYS A 29 23.73 -28.78 -18.57
CA LYS A 29 23.65 -27.36 -18.19
C LYS A 29 22.81 -26.34 -19.03
N SER A 30 23.14 -26.19 -20.31
CA SER A 30 22.39 -25.28 -21.20
C SER A 30 21.23 -25.98 -21.96
N ALA A 31 20.55 -26.90 -21.28
CA ALA A 31 19.38 -27.56 -21.83
C ALA A 31 18.25 -26.55 -22.05
N THR A 32 17.65 -26.63 -23.22
CA THR A 32 16.58 -25.71 -23.53
C THR A 32 15.34 -25.92 -22.63
N TRP A 33 15.30 -27.04 -21.91
CA TRP A 33 14.20 -27.33 -20.99
C TRP A 33 14.63 -28.53 -20.14
N THR A 34 13.93 -28.76 -19.05
CA THR A 34 14.29 -29.82 -18.12
C THR A 34 13.10 -30.08 -17.22
N TYR A 35 12.97 -31.29 -16.70
CA TYR A 35 11.81 -31.61 -15.88
C TYR A 35 12.14 -32.30 -14.55
N SER A 36 11.75 -31.64 -13.45
CA SER A 36 11.95 -32.19 -12.10
C SER A 36 10.78 -33.16 -11.90
N THR A 37 11.08 -34.41 -11.60
CA THR A 37 10.01 -35.40 -11.49
C THR A 37 9.29 -35.31 -10.16
N GLU A 38 10.04 -35.05 -9.10
CA GLU A 38 9.43 -34.98 -7.77
C GLU A 38 8.91 -33.60 -7.45
N LEU A 39 9.13 -32.65 -8.34
CA LEU A 39 8.57 -31.31 -8.14
C LEU A 39 7.38 -31.18 -9.05
N LYS A 40 7.26 -32.15 -9.94
CA LYS A 40 6.23 -32.17 -10.96
C LYS A 40 6.27 -30.80 -11.64
N LYS A 41 7.47 -30.42 -12.06
CA LYS A 41 7.68 -29.09 -12.63
C LYS A 41 8.58 -29.07 -13.87
N LEU A 42 8.08 -28.38 -14.89
CA LEU A 42 8.75 -28.16 -16.17
C LEU A 42 9.49 -26.86 -16.07
N TYR A 43 10.75 -26.82 -16.47
CA TYR A 43 11.47 -25.55 -16.56
C TYR A 43 11.81 -25.47 -18.03
N CYS A 44 11.32 -24.44 -18.70
CA CYS A 44 11.45 -24.29 -20.14
C CYS A 44 11.78 -22.87 -20.58
N GLN A 45 12.61 -22.74 -21.59
CA GLN A 45 12.94 -21.43 -22.11
C GLN A 45 11.81 -21.04 -23.05
N ILE A 46 11.57 -19.73 -23.17
CA ILE A 46 10.47 -19.19 -23.95
C ILE A 46 10.60 -19.56 -25.39
N ALA A 47 9.49 -19.94 -25.99
CA ALA A 47 9.45 -20.31 -27.40
C ALA A 47 10.18 -21.62 -27.80
N LYS A 48 11.24 -22.01 -27.08
CA LYS A 48 11.93 -23.25 -27.44
C LYS A 48 10.97 -24.45 -27.49
N THR A 49 11.20 -25.37 -28.43
CA THR A 49 10.28 -26.48 -28.54
C THR A 49 10.49 -27.44 -27.41
N CYS A 50 9.37 -27.88 -26.86
CA CYS A 50 9.34 -28.76 -25.68
C CYS A 50 8.45 -29.98 -25.92
N PRO A 51 9.05 -31.19 -26.00
CA PRO A 51 8.33 -32.43 -26.31
C PRO A 51 7.67 -33.11 -25.10
N ILE A 52 6.40 -33.47 -25.22
CA ILE A 52 5.69 -34.11 -24.13
C ILE A 52 5.28 -35.52 -24.54
N GLN A 53 5.45 -36.47 -23.62
CA GLN A 53 5.11 -37.85 -23.92
C GLN A 53 3.70 -38.22 -23.49
N ILE A 54 2.94 -38.80 -24.42
CA ILE A 54 1.61 -39.26 -24.08
C ILE A 54 1.52 -40.77 -24.18
N LYS A 55 1.02 -41.43 -23.14
CA LYS A 55 0.85 -42.88 -23.19
C LYS A 55 -0.57 -43.25 -22.83
N VAL A 56 -1.11 -44.24 -23.50
CA VAL A 56 -2.42 -44.72 -23.10
C VAL A 56 -2.41 -46.23 -22.99
N MET A 57 -3.15 -46.74 -22.02
CA MET A 57 -3.20 -48.17 -21.82
C MET A 57 -4.19 -48.88 -22.80
N THR A 58 -5.18 -48.17 -23.31
CA THR A 58 -6.11 -48.73 -24.31
C THR A 58 -6.46 -47.64 -25.33
N PRO A 59 -6.78 -48.04 -26.57
CA PRO A 59 -7.07 -46.97 -27.53
C PRO A 59 -8.23 -46.13 -27.06
N PRO A 60 -8.11 -44.80 -27.18
CA PRO A 60 -9.22 -43.88 -26.85
C PRO A 60 -10.22 -43.87 -28.01
N PRO A 61 -11.38 -43.21 -27.85
CA PRO A 61 -12.52 -43.12 -28.77
C PRO A 61 -12.24 -42.65 -30.20
N GLN A 62 -13.31 -42.35 -30.94
CA GLN A 62 -13.24 -41.98 -32.36
C GLN A 62 -12.21 -40.96 -32.76
N GLY A 63 -12.54 -39.70 -32.48
CA GLY A 63 -11.66 -38.60 -32.81
C GLY A 63 -11.22 -37.86 -31.56
N ALA A 64 -10.85 -38.61 -30.53
CA ALA A 64 -10.41 -38.01 -29.28
C ALA A 64 -9.38 -36.93 -29.53
N VAL A 65 -9.15 -36.08 -28.53
CA VAL A 65 -8.16 -35.03 -28.67
C VAL A 65 -7.41 -34.76 -27.37
N ILE A 66 -6.32 -34.03 -27.52
CA ILE A 66 -5.48 -33.65 -26.38
C ILE A 66 -5.41 -32.12 -26.33
N ARG A 67 -5.90 -31.55 -25.23
CA ARG A 67 -5.92 -30.13 -25.03
C ARG A 67 -4.91 -29.74 -24.00
N ALA A 68 -4.27 -28.58 -24.18
CA ALA A 68 -3.34 -28.07 -23.19
C ALA A 68 -3.81 -26.70 -22.78
N MET A 69 -4.04 -26.50 -21.49
CA MET A 69 -4.49 -25.20 -21.03
C MET A 69 -3.69 -24.70 -19.85
N PRO A 70 -3.23 -23.44 -19.91
CA PRO A 70 -2.50 -22.88 -18.79
C PRO A 70 -3.49 -22.35 -17.76
N VAL A 71 -3.01 -22.16 -16.53
CA VAL A 71 -3.81 -21.65 -15.43
C VAL A 71 -2.83 -21.35 -14.29
N TYR A 72 -3.19 -20.42 -13.41
CA TYR A 72 -2.28 -20.07 -12.32
C TYR A 72 -2.39 -21.11 -11.23
N LYS A 73 -1.31 -21.24 -10.47
CA LYS A 73 -1.19 -22.19 -9.40
C LYS A 73 -1.78 -21.61 -8.11
N LYS A 74 -1.31 -20.42 -7.71
CA LYS A 74 -1.80 -19.74 -6.51
C LYS A 74 -3.31 -19.44 -6.56
N ALA A 75 -4.00 -19.67 -5.45
CA ALA A 75 -5.45 -19.47 -5.37
C ALA A 75 -5.93 -18.03 -5.69
N GLU A 76 -5.19 -17.03 -5.21
CA GLU A 76 -5.53 -15.62 -5.40
C GLU A 76 -5.68 -15.26 -6.87
N HIS A 77 -5.06 -16.06 -7.74
CA HIS A 77 -5.06 -15.74 -9.17
C HIS A 77 -5.86 -16.71 -10.04
N VAL A 78 -6.09 -17.93 -9.53
CA VAL A 78 -6.77 -18.98 -10.31
C VAL A 78 -7.90 -18.50 -11.22
N THR A 79 -8.52 -17.39 -10.86
CA THR A 79 -9.65 -16.83 -11.60
C THR A 79 -9.28 -16.18 -12.93
N GLU A 80 -8.06 -15.62 -12.97
CA GLU A 80 -7.53 -14.88 -14.12
C GLU A 80 -7.00 -15.72 -15.28
N VAL A 81 -7.44 -15.40 -16.49
CA VAL A 81 -6.99 -16.11 -17.70
C VAL A 81 -5.46 -16.04 -17.79
N VAL A 82 -4.88 -16.84 -18.67
CA VAL A 82 -3.44 -16.86 -18.81
C VAL A 82 -3.17 -16.63 -20.27
N LYS A 83 -2.44 -15.58 -20.58
CA LYS A 83 -2.16 -15.26 -21.96
C LYS A 83 -0.82 -14.54 -22.05
N ARG A 84 -0.43 -14.22 -23.27
CA ARG A 84 0.82 -13.54 -23.46
C ARG A 84 0.74 -12.07 -23.02
N CYS A 85 1.74 -11.63 -22.27
CA CYS A 85 1.86 -10.23 -21.89
C CYS A 85 1.87 -9.44 -23.20
N PRO A 86 1.28 -8.23 -23.15
CA PRO A 86 1.07 -7.33 -24.30
C PRO A 86 2.33 -7.09 -25.12
N ASN A 87 3.44 -6.74 -24.43
CA ASN A 87 4.73 -6.57 -25.09
C ASN A 87 4.99 -7.73 -26.04
N HIS A 88 4.80 -8.97 -25.58
CA HIS A 88 4.97 -10.13 -26.45
C HIS A 88 3.82 -10.32 -27.45
N GLU A 89 2.61 -9.96 -27.07
CA GLU A 89 1.53 -10.14 -28.03
C GLU A 89 1.74 -9.29 -29.28
N LEU A 90 2.35 -8.13 -29.09
CA LEU A 90 2.53 -7.19 -30.18
C LEU A 90 3.86 -7.27 -30.91
N SER A 91 4.95 -7.45 -30.18
CA SER A 91 6.28 -7.49 -30.80
C SER A 91 6.35 -8.33 -32.06
N ARG A 92 7.38 -8.09 -32.87
CA ARG A 92 7.54 -8.80 -34.13
C ARG A 92 8.00 -10.26 -33.97
N GLU A 93 8.88 -10.51 -33.01
CA GLU A 93 9.40 -11.85 -32.82
C GLU A 93 8.35 -12.86 -32.40
N PHE A 94 8.51 -14.08 -32.90
CA PHE A 94 7.66 -15.22 -32.59
C PHE A 94 6.35 -15.16 -33.33
N ASN A 95 6.02 -13.98 -33.84
CA ASN A 95 4.74 -13.79 -34.53
C ASN A 95 4.82 -13.83 -36.04
N GLU A 96 6.02 -13.61 -36.58
CA GLU A 96 6.27 -13.65 -38.03
C GLU A 96 5.02 -13.99 -38.83
N GLY A 97 4.73 -15.29 -39.00
CA GLY A 97 3.55 -15.71 -39.74
C GLY A 97 2.92 -16.95 -39.13
N GLN A 98 2.66 -16.88 -37.83
CA GLN A 98 2.16 -18.00 -37.06
C GLN A 98 0.65 -18.20 -37.14
N ILE A 99 0.23 -19.40 -37.50
CA ILE A 99 -1.19 -19.75 -37.57
C ILE A 99 -1.85 -19.84 -36.20
N ALA A 100 -1.27 -19.15 -35.21
CA ALA A 100 -1.81 -19.12 -33.86
C ALA A 100 -2.09 -17.68 -33.49
N PRO A 101 -2.94 -17.46 -32.51
CA PRO A 101 -3.20 -16.08 -32.09
C PRO A 101 -2.14 -15.58 -31.11
N PRO A 102 -1.51 -14.44 -31.42
CA PRO A 102 -0.47 -13.77 -30.63
C PRO A 102 -0.78 -13.64 -29.15
N SER A 103 -1.99 -13.98 -28.75
CA SER A 103 -2.37 -13.88 -27.35
C SER A 103 -2.05 -15.16 -26.55
N HIS A 104 -2.26 -16.31 -27.19
CA HIS A 104 -2.10 -17.63 -26.57
C HIS A 104 -0.70 -17.98 -26.07
N LEU A 105 -0.55 -18.18 -24.76
CA LEU A 105 0.74 -18.55 -24.22
C LEU A 105 1.24 -19.91 -24.77
N ILE A 106 0.32 -20.83 -25.04
CA ILE A 106 0.67 -22.18 -25.49
C ILE A 106 0.43 -22.50 -26.98
N ARG A 107 1.50 -22.91 -27.67
CA ARG A 107 1.44 -23.27 -29.07
C ARG A 107 1.95 -24.69 -29.28
N VAL A 108 1.45 -25.40 -30.30
CA VAL A 108 1.92 -26.75 -30.59
C VAL A 108 2.68 -26.66 -31.90
N GLU A 109 3.71 -27.49 -32.02
CA GLU A 109 4.57 -27.46 -33.20
C GLU A 109 4.54 -28.79 -33.98
N GLY A 110 4.76 -28.70 -35.29
CA GLY A 110 4.80 -29.89 -36.13
C GLY A 110 3.47 -30.58 -36.28
N ASN A 111 2.37 -29.83 -36.17
CA ASN A 111 1.03 -30.41 -36.30
C ASN A 111 0.02 -29.43 -36.88
N SER A 112 -0.17 -29.46 -38.20
CA SER A 112 -1.11 -28.54 -38.85
C SER A 112 -2.56 -28.76 -38.42
N HIS A 113 -2.89 -29.94 -37.93
CA HIS A 113 -4.24 -30.25 -37.46
C HIS A 113 -4.52 -29.58 -36.13
N ALA A 114 -3.48 -28.95 -35.57
CA ALA A 114 -3.64 -28.29 -34.30
C ALA A 114 -4.67 -27.20 -34.51
N GLN A 115 -5.37 -26.85 -33.43
CA GLN A 115 -6.37 -25.81 -33.51
C GLN A 115 -6.48 -25.10 -32.18
N TYR A 116 -6.31 -23.77 -32.20
CA TYR A 116 -6.32 -22.95 -30.99
C TYR A 116 -7.73 -22.55 -30.65
N VAL A 117 -7.97 -22.18 -29.39
CA VAL A 117 -9.33 -21.82 -29.03
C VAL A 117 -9.49 -21.05 -27.73
N GLU A 118 -10.50 -20.19 -27.73
CA GLU A 118 -10.89 -19.43 -26.56
C GLU A 118 -12.37 -19.75 -26.35
N ASP A 119 -12.78 -19.80 -25.09
CA ASP A 119 -14.19 -20.07 -24.74
C ASP A 119 -14.94 -18.79 -24.39
N PRO A 120 -16.02 -18.50 -25.13
CA PRO A 120 -16.81 -17.31 -24.86
C PRO A 120 -17.18 -17.13 -23.38
N ILE A 121 -17.62 -18.19 -22.73
CA ILE A 121 -18.02 -18.04 -21.32
C ILE A 121 -16.84 -17.83 -20.39
N THR A 122 -15.73 -18.49 -20.69
CA THR A 122 -14.57 -18.40 -19.82
C THR A 122 -13.51 -17.45 -20.36
N GLY A 123 -13.35 -17.46 -21.68
CA GLY A 123 -12.32 -16.66 -22.32
C GLY A 123 -10.98 -17.30 -21.98
N ARG A 124 -11.03 -18.61 -21.76
CA ARG A 124 -9.84 -19.35 -21.45
C ARG A 124 -9.22 -19.78 -22.76
N GLN A 125 -7.89 -19.67 -22.82
CA GLN A 125 -7.13 -20.06 -23.98
C GLN A 125 -6.45 -21.42 -23.85
N SER A 126 -6.50 -22.18 -24.95
CA SER A 126 -5.91 -23.50 -24.98
C SER A 126 -5.72 -23.97 -26.40
N VAL A 127 -4.90 -25.00 -26.56
CA VAL A 127 -4.64 -25.56 -27.88
C VAL A 127 -4.97 -27.04 -27.87
N LEU A 128 -5.58 -27.49 -28.97
CA LEU A 128 -6.03 -28.86 -29.12
C LEU A 128 -5.35 -29.55 -30.27
N VAL A 129 -5.18 -30.84 -30.09
CA VAL A 129 -4.54 -31.67 -31.08
C VAL A 129 -5.26 -33.02 -31.11
N PRO A 130 -5.56 -33.51 -32.31
CA PRO A 130 -6.22 -34.81 -32.41
C PRO A 130 -5.27 -35.90 -31.89
N TYR A 131 -5.72 -36.75 -30.95
CA TYR A 131 -4.85 -37.81 -30.43
C TYR A 131 -4.41 -38.63 -31.60
N GLU A 132 -3.23 -39.22 -31.51
CA GLU A 132 -2.73 -40.07 -32.60
C GLU A 132 -1.80 -41.11 -32.00
N PRO A 133 -2.18 -42.38 -32.07
CA PRO A 133 -1.38 -43.47 -31.47
C PRO A 133 0.06 -43.49 -31.98
N PRO A 134 0.98 -43.94 -31.11
CA PRO A 134 2.42 -44.01 -31.41
C PRO A 134 2.66 -44.75 -32.70
N GLN A 135 3.83 -44.61 -33.28
CA GLN A 135 4.11 -45.35 -34.49
C GLN A 135 4.60 -46.75 -34.12
N VAL A 136 4.71 -47.62 -35.11
CA VAL A 136 5.14 -49.00 -34.87
C VAL A 136 6.34 -49.09 -33.94
N GLY A 137 6.17 -49.92 -32.92
CA GLY A 137 7.19 -50.18 -31.91
C GLY A 137 7.60 -48.97 -31.09
N THR A 138 6.67 -48.05 -30.91
CA THR A 138 6.96 -46.85 -30.16
C THR A 138 6.01 -46.79 -28.98
N GLU A 139 6.48 -46.47 -27.76
CA GLU A 139 5.54 -46.45 -26.64
C GLU A 139 4.76 -45.16 -26.39
N PHE A 140 5.30 -44.04 -26.84
CA PHE A 140 4.67 -42.78 -26.59
C PHE A 140 4.21 -42.06 -27.85
N THR A 141 3.29 -41.14 -27.64
CA THR A 141 2.86 -40.29 -28.71
C THR A 141 3.43 -38.94 -28.30
N THR A 142 4.28 -38.37 -29.15
CA THR A 142 4.91 -37.10 -28.78
C THR A 142 4.15 -35.90 -29.26
N VAL A 143 3.91 -34.97 -28.34
CA VAL A 143 3.29 -33.70 -28.70
C VAL A 143 4.37 -32.62 -28.49
N LEU A 144 4.56 -31.78 -29.50
CA LEU A 144 5.55 -30.69 -29.42
C LEU A 144 4.92 -29.36 -28.94
N TYR A 145 5.38 -28.82 -27.83
CA TYR A 145 4.80 -27.57 -27.35
C TYR A 145 5.78 -26.40 -27.32
N ASN A 146 5.23 -25.19 -27.38
CA ASN A 146 6.00 -23.95 -27.28
C ASN A 146 5.31 -23.04 -26.29
N PHE A 147 6.05 -22.54 -25.32
CA PHE A 147 5.49 -21.61 -24.36
C PHE A 147 6.01 -20.22 -24.67
N MET A 148 5.08 -19.34 -25.05
CA MET A 148 5.40 -18.00 -25.55
C MET A 148 5.67 -16.79 -24.65
N CYS A 149 5.73 -16.94 -23.34
CA CYS A 149 6.03 -15.79 -22.51
C CYS A 149 6.79 -16.32 -21.34
N ASN A 150 7.75 -15.56 -20.82
CA ASN A 150 8.41 -16.02 -19.61
C ASN A 150 7.41 -15.96 -18.45
N SER A 151 7.67 -16.72 -17.41
CA SER A 151 6.79 -16.73 -16.25
C SER A 151 7.16 -15.54 -15.38
N SER A 152 7.59 -14.46 -16.01
CA SER A 152 8.02 -13.31 -15.26
C SER A 152 7.79 -12.08 -16.11
N CYS A 153 7.02 -12.25 -17.17
CA CYS A 153 6.67 -11.12 -18.00
C CYS A 153 5.74 -10.22 -17.24
N VAL A 154 6.16 -8.96 -17.12
CA VAL A 154 5.38 -7.90 -16.50
C VAL A 154 4.23 -7.56 -17.47
N GLY A 155 3.00 -7.60 -16.99
CA GLY A 155 1.86 -7.37 -17.87
C GLY A 155 1.27 -8.69 -18.32
N GLY A 156 1.77 -9.75 -17.68
CA GLY A 156 1.35 -11.13 -17.93
C GLY A 156 1.47 -11.99 -16.69
N MET A 157 2.14 -13.12 -16.83
CA MET A 157 2.31 -14.00 -15.69
C MET A 157 2.93 -13.30 -14.48
N ASN A 158 3.51 -12.13 -14.71
CA ASN A 158 4.15 -11.34 -13.67
C ASN A 158 4.81 -12.13 -12.53
N ARG A 159 5.64 -13.09 -12.88
CA ARG A 159 6.32 -13.98 -11.92
C ARG A 159 5.36 -14.83 -11.06
N ARG A 160 4.17 -15.03 -11.61
CA ARG A 160 3.11 -15.81 -10.97
C ARG A 160 3.13 -17.23 -11.52
N PRO A 161 3.43 -18.20 -10.66
CA PRO A 161 3.50 -19.58 -11.13
C PRO A 161 2.23 -20.04 -11.86
N ILE A 162 2.36 -20.99 -12.77
CA ILE A 162 1.20 -21.56 -13.45
C ILE A 162 1.40 -23.06 -13.57
N LEU A 163 0.45 -23.70 -14.22
CA LEU A 163 0.60 -25.10 -14.42
C LEU A 163 -0.16 -25.52 -15.65
N ILE A 164 0.39 -26.50 -16.35
CA ILE A 164 -0.21 -26.92 -17.58
C ILE A 164 -1.17 -28.04 -17.30
N ILE A 165 -2.34 -27.93 -17.88
CA ILE A 165 -3.35 -28.93 -17.68
C ILE A 165 -3.65 -29.50 -19.01
N VAL A 166 -2.99 -30.62 -19.28
CA VAL A 166 -3.24 -31.38 -20.49
C VAL A 166 -4.29 -32.39 -20.10
N THR A 167 -5.21 -32.62 -21.02
CA THR A 167 -6.35 -33.46 -20.81
C THR A 167 -6.63 -34.14 -22.14
N LEU A 168 -7.15 -35.36 -22.05
CA LEU A 168 -7.51 -36.13 -23.23
C LEU A 168 -9.01 -36.03 -23.23
N GLU A 169 -9.61 -35.87 -24.41
CA GLU A 169 -11.06 -35.73 -24.48
C GLU A 169 -11.66 -36.38 -25.69
N THR A 170 -12.97 -36.58 -25.62
CA THR A 170 -13.72 -37.13 -26.73
C THR A 170 -13.91 -36.01 -27.74
N ARG A 171 -14.15 -36.35 -29.00
CA ARG A 171 -14.31 -35.38 -30.07
C ARG A 171 -15.25 -34.24 -29.68
N ASP A 172 -16.09 -34.49 -28.68
CA ASP A 172 -17.04 -33.47 -28.22
C ASP A 172 -17.00 -33.15 -26.74
N GLY A 173 -15.81 -32.87 -26.23
CA GLY A 173 -15.66 -32.40 -24.86
C GLY A 173 -15.63 -33.29 -23.63
N GLN A 174 -16.07 -34.54 -23.71
CA GLN A 174 -16.04 -35.35 -22.50
C GLN A 174 -14.61 -35.60 -22.03
N VAL A 175 -14.39 -35.33 -20.75
CA VAL A 175 -13.06 -35.51 -20.16
C VAL A 175 -12.67 -36.98 -19.92
N LEU A 176 -11.85 -37.54 -20.81
CA LEU A 176 -11.40 -38.94 -20.72
C LEU A 176 -10.22 -39.14 -19.78
N GLY A 177 -9.56 -38.06 -19.42
CA GLY A 177 -8.40 -38.15 -18.56
C GLY A 177 -7.65 -36.84 -18.58
N ARG A 178 -6.89 -36.56 -17.53
CA ARG A 178 -6.12 -35.31 -17.44
C ARG A 178 -4.96 -35.45 -16.45
N ARG A 179 -3.87 -34.74 -16.72
CA ARG A 179 -2.71 -34.73 -15.83
C ARG A 179 -2.27 -33.27 -15.73
N CYS A 180 -1.39 -32.94 -14.79
CA CYS A 180 -0.94 -31.57 -14.66
C CYS A 180 0.47 -31.44 -14.11
N PHE A 181 1.13 -30.36 -14.49
CA PHE A 181 2.46 -30.09 -13.95
C PHE A 181 2.71 -28.58 -13.88
N GLU A 182 3.49 -28.16 -12.90
CA GLU A 182 3.81 -26.75 -12.82
C GLU A 182 4.73 -26.49 -14.00
N ALA A 183 4.67 -25.27 -14.52
CA ALA A 183 5.52 -24.86 -15.62
C ALA A 183 6.11 -23.50 -15.32
N ARG A 184 7.43 -23.42 -15.26
CA ARG A 184 8.12 -22.16 -15.08
C ARG A 184 8.90 -21.89 -16.34
N ILE A 185 8.38 -21.03 -17.21
CA ILE A 185 9.13 -20.78 -18.41
C ILE A 185 10.05 -19.59 -18.18
N CYS A 186 11.32 -19.91 -17.98
CA CYS A 186 12.35 -18.94 -17.67
C CYS A 186 13.55 -19.01 -18.64
N ALA A 187 14.60 -18.26 -18.35
CA ALA A 187 15.78 -18.19 -19.19
C ALA A 187 16.86 -19.22 -18.91
N CYS A 188 16.92 -19.72 -17.68
CA CYS A 188 17.89 -20.74 -17.33
C CYS A 188 17.21 -21.83 -16.53
N PRO A 189 16.56 -22.75 -17.25
CA PRO A 189 15.84 -23.83 -16.57
C PRO A 189 16.85 -24.60 -15.75
N GLY A 190 18.04 -24.78 -16.31
CA GLY A 190 19.10 -25.43 -15.54
C GLY A 190 19.38 -24.85 -14.16
N ARG A 191 19.67 -23.55 -14.10
CA ARG A 191 19.92 -22.86 -12.84
C ARG A 191 18.68 -22.80 -11.95
N ASP A 192 17.56 -22.41 -12.54
CA ASP A 192 16.37 -22.24 -11.73
C ASP A 192 15.90 -23.59 -11.17
N ARG A 193 16.30 -24.68 -11.80
CA ARG A 193 15.92 -25.97 -11.23
C ARG A 193 16.91 -26.37 -10.14
N LYS A 194 18.22 -26.27 -10.44
CA LYS A 194 19.23 -26.59 -9.43
C LYS A 194 18.88 -25.86 -8.15
N ALA A 195 18.55 -24.57 -8.27
CA ALA A 195 18.20 -23.77 -7.10
C ALA A 195 16.94 -24.28 -6.40
N ASP A 196 15.84 -24.47 -7.12
CA ASP A 196 14.62 -24.98 -6.50
C ASP A 196 14.85 -26.27 -5.77
N GLU A 197 15.76 -27.10 -6.25
CA GLU A 197 16.07 -28.37 -5.58
C GLU A 197 16.98 -28.16 -4.35
N ASP A 198 17.34 -26.91 -4.08
CA ASP A 198 18.17 -26.60 -2.92
C ASP A 198 17.37 -25.86 -1.84
N SER A 199 16.19 -25.37 -2.22
CA SER A 199 15.34 -24.69 -1.27
C SER A 199 14.87 -25.71 -0.23
N ILE A 200 15.22 -26.97 -0.48
CA ILE A 200 14.86 -28.04 0.43
C ILE A 200 16.02 -29.01 0.61
N MET B 4 17.78 13.50 -44.93
CA MET B 4 17.60 12.04 -44.90
C MET B 4 18.23 11.34 -43.68
N ALA B 5 19.57 11.26 -43.68
CA ALA B 5 20.34 10.64 -42.60
C ALA B 5 19.83 10.85 -41.16
N SER B 6 20.23 9.95 -40.27
CA SER B 6 19.85 9.99 -38.84
C SER B 6 20.21 11.33 -38.21
N PRO B 7 19.30 11.90 -37.39
CA PRO B 7 19.56 13.22 -36.77
C PRO B 7 20.94 13.29 -36.18
N SER B 8 21.61 14.42 -36.34
CA SER B 8 22.94 14.60 -35.79
C SER B 8 22.91 14.66 -34.28
N ASN B 9 24.06 14.40 -33.71
CA ASN B 9 24.20 14.42 -32.28
C ASN B 9 25.45 15.22 -31.87
N THR B 10 25.99 16.00 -32.79
CA THR B 10 27.18 16.79 -32.46
C THR B 10 26.79 18.13 -31.79
N ASP B 11 27.39 18.40 -30.64
CA ASP B 11 27.15 19.64 -29.92
C ASP B 11 27.40 20.83 -30.86
N TYR B 12 26.57 21.87 -30.73
CA TYR B 12 26.70 23.00 -31.64
C TYR B 12 26.07 24.16 -30.96
N PRO B 13 26.89 24.97 -30.28
CA PRO B 13 26.48 26.16 -29.50
C PRO B 13 25.71 27.15 -30.36
N GLY B 14 26.20 27.38 -31.56
CA GLY B 14 25.47 28.22 -32.50
C GLY B 14 25.65 29.70 -32.25
N PRO B 15 24.98 30.56 -33.05
CA PRO B 15 25.08 32.00 -32.86
C PRO B 15 24.67 32.46 -31.48
N HIS B 16 23.68 31.85 -30.85
CA HIS B 16 23.27 32.33 -29.52
C HIS B 16 23.95 31.64 -28.34
N SER B 17 25.14 31.08 -28.54
CA SER B 17 25.83 30.32 -27.49
C SER B 17 24.90 29.43 -26.65
N PHE B 18 24.15 28.54 -27.31
CA PHE B 18 23.15 27.69 -26.68
C PHE B 18 23.78 26.54 -25.94
N ASP B 19 23.40 26.35 -24.67
CA ASP B 19 23.97 25.29 -23.84
C ASP B 19 22.96 24.74 -22.85
N VAL B 20 22.97 23.43 -22.60
CA VAL B 20 22.07 22.85 -21.60
C VAL B 20 22.86 22.32 -20.42
N SER B 21 22.25 22.26 -19.24
CA SER B 21 22.95 21.77 -18.04
C SER B 21 21.98 21.35 -16.95
N PHE B 22 22.49 20.75 -15.88
CA PHE B 22 21.63 20.30 -14.78
C PHE B 22 22.00 20.90 -13.41
N GLN B 23 21.01 21.23 -12.60
CA GLN B 23 21.25 21.84 -11.28
C GLN B 23 21.71 20.89 -10.18
N SER B 30 19.09 9.40 -2.43
CA SER B 30 18.93 9.10 -3.84
C SER B 30 17.70 9.77 -4.45
N ALA B 31 17.84 11.05 -4.83
CA ALA B 31 16.74 11.85 -5.39
C ALA B 31 16.08 11.19 -6.60
N THR B 32 15.18 11.91 -7.24
CA THR B 32 14.46 11.34 -8.38
C THR B 32 15.38 11.07 -9.56
N TRP B 33 16.47 11.83 -9.65
CA TRP B 33 17.41 11.71 -10.75
C TRP B 33 18.81 12.14 -10.34
N THR B 34 19.72 12.17 -11.30
CA THR B 34 21.11 12.54 -11.05
C THR B 34 21.80 12.61 -12.41
N TYR B 35 22.79 13.49 -12.55
CA TYR B 35 23.45 13.68 -13.83
C TYR B 35 24.94 13.72 -13.69
N SER B 36 25.60 12.87 -14.47
CA SER B 36 27.04 12.77 -14.48
C SER B 36 27.60 13.70 -15.54
N THR B 37 28.45 14.62 -15.14
CA THR B 37 29.00 15.54 -16.13
C THR B 37 30.16 14.89 -16.88
N GLU B 38 30.96 14.08 -16.19
CA GLU B 38 32.10 13.45 -16.84
C GLU B 38 31.67 12.46 -17.92
N LEU B 39 30.48 11.87 -17.75
CA LEU B 39 29.94 10.93 -18.74
C LEU B 39 28.83 11.55 -19.57
N LYS B 40 28.44 12.79 -19.27
CA LYS B 40 27.35 13.45 -19.99
C LYS B 40 26.16 12.50 -20.12
N LYS B 41 25.72 11.97 -18.99
CA LYS B 41 24.65 10.98 -18.95
C LYS B 41 23.62 11.22 -17.82
N LEU B 42 22.34 11.27 -18.18
CA LEU B 42 21.26 11.52 -17.21
C LEU B 42 20.69 10.22 -16.70
N TYR B 43 20.72 9.99 -15.38
CA TYR B 43 20.09 8.80 -14.81
C TYR B 43 18.79 9.31 -14.19
N CYS B 44 17.65 8.66 -14.45
CA CYS B 44 16.40 9.15 -13.90
C CYS B 44 15.28 8.13 -13.91
N GLN B 45 14.41 8.19 -12.90
CA GLN B 45 13.30 7.23 -12.80
C GLN B 45 12.21 7.49 -13.82
N ILE B 46 11.40 6.48 -14.07
CA ILE B 46 10.40 6.65 -15.11
C ILE B 46 9.32 7.63 -14.68
N ALA B 47 8.87 8.44 -15.63
CA ALA B 47 7.77 9.40 -15.41
C ALA B 47 8.00 10.51 -14.37
N LYS B 48 8.99 10.36 -13.50
CA LYS B 48 9.30 11.41 -12.54
C LYS B 48 9.71 12.65 -13.30
N THR B 49 9.58 13.81 -12.66
CA THR B 49 9.89 15.09 -13.32
C THR B 49 11.39 15.32 -13.46
N CYS B 50 11.78 15.88 -14.60
CA CYS B 50 13.19 16.11 -14.91
C CYS B 50 13.46 17.52 -15.43
N PRO B 51 14.08 18.36 -14.57
CA PRO B 51 14.38 19.77 -14.88
C PRO B 51 15.66 19.97 -15.69
N ILE B 52 15.56 20.63 -16.83
CA ILE B 52 16.74 20.84 -17.66
C ILE B 52 16.93 22.30 -17.90
N GLN B 53 18.12 22.79 -17.60
CA GLN B 53 18.39 24.22 -17.74
C GLN B 53 18.99 24.60 -19.07
N ILE B 54 18.39 25.61 -19.69
CA ILE B 54 18.82 26.13 -20.97
C ILE B 54 19.53 27.45 -20.75
N LYS B 55 20.47 27.78 -21.63
CA LYS B 55 21.18 29.01 -21.47
C LYS B 55 21.61 29.53 -22.84
N VAL B 56 21.30 30.81 -23.08
CA VAL B 56 21.73 31.47 -24.31
C VAL B 56 22.43 32.76 -23.94
N MET B 57 23.27 33.23 -24.86
CA MET B 57 24.04 34.45 -24.64
C MET B 57 23.47 35.65 -25.41
N THR B 58 22.58 35.41 -26.37
CA THR B 58 21.90 36.46 -27.13
C THR B 58 20.56 35.89 -27.55
N PRO B 59 19.52 36.71 -27.44
CA PRO B 59 18.14 36.27 -27.68
C PRO B 59 17.90 35.59 -29.01
N PRO B 60 17.40 34.34 -28.97
CA PRO B 60 17.00 33.63 -30.18
C PRO B 60 15.92 34.44 -30.89
N PRO B 61 15.70 34.18 -32.19
CA PRO B 61 14.70 34.89 -32.99
C PRO B 61 13.25 34.89 -32.45
N GLN B 62 12.30 35.05 -33.38
CA GLN B 62 10.88 35.15 -33.06
C GLN B 62 10.26 33.92 -32.43
N GLY B 63 9.66 33.09 -33.28
CA GLY B 63 9.01 31.88 -32.82
C GLY B 63 9.98 30.78 -32.42
N ALA B 64 11.17 31.16 -31.99
CA ALA B 64 12.20 30.21 -31.59
C ALA B 64 11.65 29.17 -30.59
N VAL B 65 12.03 27.91 -30.82
CA VAL B 65 11.59 26.76 -30.01
C VAL B 65 12.71 25.83 -29.53
N ILE B 66 12.42 25.11 -28.47
CA ILE B 66 13.32 24.10 -27.99
C ILE B 66 12.65 22.73 -28.17
N ARG B 67 13.23 21.89 -29.02
CA ARG B 67 12.70 20.55 -29.26
C ARG B 67 13.58 19.49 -28.62
N ALA B 68 12.99 18.45 -28.05
CA ALA B 68 13.75 17.31 -27.44
C ALA B 68 13.40 16.06 -28.20
N MET B 69 14.41 15.35 -28.68
CA MET B 69 14.17 14.13 -29.44
C MET B 69 15.09 13.03 -28.97
N PRO B 70 14.54 11.83 -28.73
CA PRO B 70 15.37 10.70 -28.33
C PRO B 70 15.88 9.96 -29.56
N VAL B 71 17.12 9.49 -29.50
CA VAL B 71 17.60 8.67 -30.62
C VAL B 71 18.55 7.60 -30.07
N TYR B 72 18.50 6.37 -30.58
CA TYR B 72 19.40 5.34 -30.04
C TYR B 72 20.82 5.80 -30.19
N LYS B 73 21.66 5.44 -29.24
CA LYS B 73 23.07 5.81 -29.26
C LYS B 73 23.91 4.97 -30.26
N LYS B 74 23.80 3.64 -30.21
CA LYS B 74 24.58 2.74 -31.05
C LYS B 74 24.22 2.85 -32.53
N ALA B 75 25.22 2.76 -33.40
CA ALA B 75 24.93 2.86 -34.83
C ALA B 75 23.99 1.71 -35.22
N GLU B 76 24.18 0.55 -34.59
CA GLU B 76 23.34 -0.62 -34.84
C GLU B 76 21.86 -0.32 -34.73
N HIS B 77 21.49 0.75 -34.01
CA HIS B 77 20.08 1.04 -33.78
C HIS B 77 19.58 2.44 -34.16
N VAL B 78 20.48 3.35 -34.56
CA VAL B 78 20.06 4.72 -34.86
C VAL B 78 18.87 4.85 -35.75
N THR B 79 18.75 3.97 -36.74
CA THR B 79 17.65 4.17 -37.68
C THR B 79 16.28 3.88 -37.12
N GLU B 80 16.20 3.17 -36.01
CA GLU B 80 14.90 2.86 -35.43
C GLU B 80 14.35 3.98 -34.52
N VAL B 81 13.14 4.44 -34.77
CA VAL B 81 12.54 5.47 -33.93
C VAL B 81 12.46 4.96 -32.51
N VAL B 82 12.61 5.87 -31.55
CA VAL B 82 12.51 5.53 -30.15
C VAL B 82 11.07 5.87 -29.74
N LYS B 83 10.40 4.93 -29.07
CA LYS B 83 9.01 5.11 -28.69
C LYS B 83 8.78 4.31 -27.44
N ARG B 84 7.61 4.49 -26.85
CA ARG B 84 7.26 3.75 -25.64
C ARG B 84 6.99 2.29 -25.99
N CYS B 85 7.18 1.40 -25.02
CA CYS B 85 6.93 0.00 -25.28
C CYS B 85 5.42 -0.22 -25.32
N PRO B 86 4.98 -1.28 -26.00
CA PRO B 86 3.53 -1.51 -26.12
C PRO B 86 2.82 -1.54 -24.78
N ASN B 87 3.43 -2.10 -23.75
CA ASN B 87 2.78 -2.18 -22.45
C ASN B 87 2.32 -0.82 -21.98
N HIS B 88 3.29 0.09 -21.86
CA HIS B 88 3.08 1.44 -21.40
C HIS B 88 2.25 2.28 -22.36
N GLU B 89 2.40 2.04 -23.65
CA GLU B 89 1.63 2.78 -24.62
C GLU B 89 0.15 2.52 -24.47
N LEU B 90 -0.20 1.32 -24.01
CA LEU B 90 -1.59 0.89 -23.88
C LEU B 90 -2.13 0.97 -22.46
N SER B 91 -1.24 0.91 -21.49
CA SER B 91 -1.61 0.98 -20.09
C SER B 91 -2.42 2.26 -19.87
N ARG B 92 -3.30 2.22 -18.88
CA ARG B 92 -4.07 3.39 -18.53
C ARG B 92 -3.15 4.28 -17.71
N GLU B 93 -2.32 3.65 -16.88
CA GLU B 93 -1.36 4.36 -16.03
C GLU B 93 -0.57 5.38 -16.83
N PHE B 94 -0.52 6.61 -16.31
CA PHE B 94 0.24 7.68 -16.93
C PHE B 94 -0.38 8.24 -18.19
N ASN B 95 -1.49 7.69 -18.67
CA ASN B 95 -2.08 8.20 -19.90
C ASN B 95 -3.51 8.68 -19.76
N GLU B 96 -4.06 8.61 -18.55
CA GLU B 96 -5.45 9.00 -18.31
C GLU B 96 -5.77 10.42 -18.81
N GLY B 97 -5.61 11.40 -17.94
CA GLY B 97 -5.79 12.77 -18.38
C GLY B 97 -4.42 13.16 -18.91
N GLN B 98 -4.27 13.27 -20.23
CA GLN B 98 -2.96 13.61 -20.81
C GLN B 98 -3.06 13.88 -22.32
N ILE B 99 -2.39 14.94 -22.77
CA ILE B 99 -2.43 15.32 -24.18
C ILE B 99 -1.31 14.71 -25.01
N ALA B 100 -0.28 14.20 -24.34
CA ALA B 100 0.82 13.59 -25.09
C ALA B 100 0.39 12.27 -25.64
N PRO B 101 0.59 12.08 -26.95
CA PRO B 101 0.22 10.80 -27.54
C PRO B 101 0.91 9.79 -26.65
N PRO B 102 0.22 8.68 -26.33
CA PRO B 102 0.72 7.67 -25.39
C PRO B 102 2.00 6.98 -25.85
N SER B 103 2.32 7.03 -27.14
CA SER B 103 3.55 6.42 -27.62
C SER B 103 4.82 7.25 -27.39
N HIS B 104 4.71 8.58 -27.25
CA HIS B 104 5.92 9.41 -27.10
C HIS B 104 6.68 9.15 -25.82
N LEU B 105 7.98 8.91 -25.96
CA LEU B 105 8.85 8.67 -24.83
C LEU B 105 8.96 9.92 -23.97
N ILE B 106 9.40 11.00 -24.61
CA ILE B 106 9.59 12.27 -23.93
C ILE B 106 8.36 13.15 -23.92
N ARG B 107 7.99 13.62 -22.74
CA ARG B 107 6.90 14.56 -22.58
C ARG B 107 7.52 15.74 -21.82
N VAL B 108 6.80 16.86 -21.79
CA VAL B 108 7.22 18.01 -21.00
C VAL B 108 6.03 18.36 -20.15
N GLU B 109 6.24 18.51 -18.85
CA GLU B 109 5.15 18.88 -17.97
C GLU B 109 5.22 20.36 -17.61
N GLY B 110 4.06 20.95 -17.31
CA GLY B 110 3.99 22.34 -16.87
C GLY B 110 4.06 23.42 -17.94
N ASN B 111 3.70 23.07 -19.18
CA ASN B 111 3.71 24.07 -20.24
C ASN B 111 2.68 23.74 -21.30
N SER B 112 1.53 24.40 -21.17
CA SER B 112 0.39 24.24 -22.06
C SER B 112 0.70 24.38 -23.56
N HIS B 113 1.80 25.06 -23.88
CA HIS B 113 2.13 25.27 -25.29
C HIS B 113 2.98 24.16 -25.90
N ALA B 114 3.38 23.20 -25.08
CA ALA B 114 4.18 22.07 -25.54
C ALA B 114 3.45 21.32 -26.61
N GLN B 115 4.08 21.11 -27.75
CA GLN B 115 3.42 20.35 -28.79
C GLN B 115 4.28 19.19 -29.20
N TYR B 116 3.60 18.05 -29.35
CA TYR B 116 4.20 16.80 -29.71
C TYR B 116 4.03 16.66 -31.18
N VAL B 117 5.07 16.17 -31.85
CA VAL B 117 5.06 16.04 -33.28
C VAL B 117 5.71 14.74 -33.74
N GLU B 118 5.18 14.19 -34.82
CA GLU B 118 5.69 12.95 -35.40
C GLU B 118 6.00 13.31 -36.83
N ASP B 119 7.23 13.05 -37.26
CA ASP B 119 7.58 13.44 -38.61
C ASP B 119 6.81 12.62 -39.62
N PRO B 120 6.10 13.29 -40.53
CA PRO B 120 5.29 12.57 -41.52
C PRO B 120 6.12 11.65 -42.42
N ILE B 121 7.41 11.88 -42.56
CA ILE B 121 8.21 11.00 -43.43
C ILE B 121 9.16 10.09 -42.67
N THR B 122 9.78 10.62 -41.61
CA THR B 122 10.75 9.83 -40.83
C THR B 122 10.06 9.05 -39.73
N GLY B 123 8.81 9.40 -39.45
CA GLY B 123 8.10 8.73 -38.38
C GLY B 123 8.62 9.04 -36.97
N ARG B 124 9.67 9.85 -36.88
CA ARG B 124 10.30 10.20 -35.62
C ARG B 124 9.46 11.11 -34.74
N GLN B 125 9.58 10.92 -33.43
CA GLN B 125 8.81 11.73 -32.49
C GLN B 125 9.60 12.66 -31.59
N SER B 126 9.03 13.81 -31.28
CA SER B 126 9.71 14.77 -30.44
C SER B 126 8.70 15.75 -29.88
N VAL B 127 9.05 16.41 -28.78
CA VAL B 127 8.20 17.41 -28.19
C VAL B 127 8.87 18.78 -28.18
N LEU B 128 8.18 19.81 -28.67
CA LEU B 128 8.74 21.16 -28.67
C LEU B 128 8.15 22.00 -27.56
N VAL B 129 8.77 23.15 -27.34
CA VAL B 129 8.31 24.11 -26.36
C VAL B 129 8.78 25.49 -26.84
N PRO B 130 7.87 26.45 -26.95
CA PRO B 130 8.39 27.74 -27.38
C PRO B 130 9.52 28.25 -26.48
N TYR B 131 10.48 28.92 -27.08
CA TYR B 131 11.56 29.45 -26.28
C TYR B 131 11.08 30.69 -25.55
N GLU B 132 11.45 30.79 -24.28
CA GLU B 132 11.12 31.96 -23.51
C GLU B 132 12.32 32.19 -22.61
N PRO B 133 12.80 33.43 -22.55
CA PRO B 133 13.95 33.80 -21.73
C PRO B 133 13.70 33.42 -20.29
N PRO B 134 14.72 33.50 -19.45
CA PRO B 134 14.54 33.13 -18.05
C PRO B 134 13.62 34.11 -17.35
N GLN B 135 13.30 33.84 -16.09
CA GLN B 135 12.51 34.77 -15.30
C GLN B 135 13.47 35.90 -14.95
N VAL B 136 12.96 37.09 -14.65
CA VAL B 136 13.82 38.21 -14.32
C VAL B 136 14.73 37.91 -13.12
N GLY B 137 16.04 38.03 -13.33
CA GLY B 137 17.00 37.77 -12.27
C GLY B 137 17.42 36.32 -12.22
N THR B 138 16.95 35.54 -13.19
CA THR B 138 17.30 34.14 -13.35
C THR B 138 18.25 34.11 -14.53
N GLU B 139 19.22 33.19 -14.54
CA GLU B 139 20.12 33.10 -15.70
C GLU B 139 19.76 31.93 -16.61
N PHE B 140 18.81 31.11 -16.17
CA PHE B 140 18.41 29.90 -16.89
C PHE B 140 16.92 29.71 -17.16
N THR B 141 16.58 29.49 -18.43
CA THR B 141 15.23 29.10 -18.81
C THR B 141 15.06 27.61 -18.50
N THR B 142 14.13 27.25 -17.61
CA THR B 142 13.95 25.83 -17.26
C THR B 142 12.84 25.10 -18.01
N VAL B 143 13.16 23.89 -18.46
CA VAL B 143 12.16 23.03 -19.09
C VAL B 143 12.02 21.75 -18.29
N LEU B 144 10.78 21.28 -18.16
CA LEU B 144 10.49 20.10 -17.38
C LEU B 144 10.16 18.88 -18.24
N TYR B 145 11.08 17.93 -18.30
CA TYR B 145 10.81 16.72 -19.06
C TYR B 145 10.43 15.57 -18.16
N ASN B 146 9.58 14.70 -18.70
CA ASN B 146 9.24 13.43 -18.08
C ASN B 146 9.57 12.40 -19.15
N PHE B 147 10.23 11.32 -18.75
CA PHE B 147 10.58 10.23 -19.66
C PHE B 147 9.67 9.07 -19.29
N MET B 148 8.96 8.54 -20.28
CA MET B 148 7.90 7.55 -20.02
C MET B 148 8.13 6.03 -20.20
N CYS B 149 9.37 5.58 -20.25
CA CYS B 149 9.64 4.13 -20.35
C CYS B 149 11.02 3.93 -19.76
N ASN B 150 11.21 2.83 -19.04
CA ASN B 150 12.53 2.53 -18.53
C ASN B 150 13.39 2.12 -19.73
N SER B 151 14.70 2.34 -19.65
CA SER B 151 15.55 1.98 -20.77
C SER B 151 15.37 0.52 -21.11
N SER B 152 15.16 -0.29 -20.08
CA SER B 152 15.03 -1.72 -20.24
C SER B 152 13.68 -2.21 -20.72
N CYS B 153 12.72 -1.33 -20.95
CA CYS B 153 11.41 -1.83 -21.37
C CYS B 153 11.48 -2.81 -22.55
N VAL B 154 11.08 -4.04 -22.30
CA VAL B 154 11.02 -5.05 -23.32
C VAL B 154 9.93 -4.60 -24.26
N GLY B 155 10.19 -4.62 -25.56
CA GLY B 155 9.16 -4.23 -26.48
C GLY B 155 9.45 -2.82 -26.95
N GLY B 156 10.25 -2.11 -26.15
CA GLY B 156 10.60 -0.72 -26.46
C GLY B 156 12.08 -0.53 -26.66
N MET B 157 12.73 0.13 -25.69
CA MET B 157 14.15 0.37 -25.77
C MET B 157 14.99 -0.90 -25.57
N ASN B 158 14.37 -1.89 -24.92
CA ASN B 158 14.98 -3.20 -24.71
C ASN B 158 16.40 -3.04 -24.28
N ARG B 159 16.60 -2.04 -23.43
CA ARG B 159 17.88 -1.66 -22.83
C ARG B 159 18.97 -1.08 -23.73
N ARG B 160 18.57 -0.65 -24.92
CA ARG B 160 19.48 0.02 -25.83
C ARG B 160 19.59 1.44 -25.32
N PRO B 161 20.81 1.93 -25.12
CA PRO B 161 21.03 3.28 -24.60
C PRO B 161 20.47 4.30 -25.56
N ILE B 162 20.12 5.49 -25.06
CA ILE B 162 19.62 6.53 -25.95
C ILE B 162 20.26 7.86 -25.65
N LEU B 163 20.24 8.72 -26.66
CA LEU B 163 20.73 10.06 -26.53
C LEU B 163 19.51 10.95 -26.59
N ILE B 164 19.54 12.03 -25.80
CA ILE B 164 18.49 13.02 -25.89
C ILE B 164 19.08 14.15 -26.70
N ILE B 165 18.41 14.55 -27.77
CA ILE B 165 18.96 15.64 -28.55
C ILE B 165 18.04 16.84 -28.45
N VAL B 166 18.43 17.78 -27.60
CA VAL B 166 17.65 18.99 -27.42
C VAL B 166 18.21 20.06 -28.36
N THR B 167 17.34 20.62 -29.20
CA THR B 167 17.80 21.52 -30.25
C THR B 167 17.05 22.84 -30.31
N LEU B 168 17.77 23.97 -30.30
CA LEU B 168 17.17 25.30 -30.38
C LEU B 168 16.87 25.60 -31.83
N GLU B 169 15.62 25.84 -32.17
CA GLU B 169 15.32 26.13 -33.57
C GLU B 169 14.50 27.40 -33.81
N THR B 170 14.53 27.80 -35.07
CA THR B 170 13.76 28.90 -35.57
C THR B 170 12.32 28.45 -35.74
N ARG B 171 11.39 29.41 -35.71
CA ARG B 171 9.97 29.09 -35.87
C ARG B 171 9.68 28.03 -36.92
N ASP B 172 10.49 28.03 -37.98
CA ASP B 172 10.30 27.13 -39.11
C ASP B 172 11.34 26.02 -39.19
N GLY B 173 11.74 25.49 -38.04
CA GLY B 173 12.63 24.35 -38.02
C GLY B 173 14.05 24.40 -38.56
N GLN B 174 14.68 25.55 -38.49
CA GLN B 174 16.09 25.65 -38.85
C GLN B 174 16.80 25.52 -37.52
N VAL B 175 17.83 24.70 -37.44
CA VAL B 175 18.51 24.50 -36.17
C VAL B 175 19.55 25.61 -35.93
N LEU B 176 19.53 26.19 -34.73
CA LEU B 176 20.40 27.29 -34.30
C LEU B 176 21.33 26.91 -33.16
N GLY B 177 21.04 25.76 -32.54
CA GLY B 177 21.83 25.26 -31.43
C GLY B 177 21.50 23.79 -31.23
N ARG B 178 22.40 23.03 -30.59
CA ARG B 178 22.16 21.64 -30.30
C ARG B 178 23.11 21.13 -29.19
N ARG B 179 22.52 20.49 -28.20
CA ARG B 179 23.31 19.87 -27.14
C ARG B 179 22.75 18.44 -26.98
N CYS B 180 23.56 17.49 -26.53
CA CYS B 180 23.07 16.13 -26.43
C CYS B 180 23.58 15.52 -25.19
N PHE B 181 22.83 14.59 -24.63
CA PHE B 181 23.28 13.87 -23.47
C PHE B 181 22.69 12.46 -23.53
N GLU B 182 23.35 11.50 -22.90
CA GLU B 182 22.84 10.16 -22.88
C GLU B 182 21.86 10.14 -21.75
N ALA B 183 20.78 9.38 -21.92
CA ALA B 183 19.77 9.27 -20.88
C ALA B 183 19.60 7.82 -20.52
N ARG B 184 19.61 7.51 -19.24
CA ARG B 184 19.31 6.17 -18.80
C ARG B 184 18.16 6.21 -17.82
N ILE B 185 16.95 5.97 -18.32
CA ILE B 185 15.80 5.88 -17.45
C ILE B 185 15.79 4.50 -16.77
N CYS B 186 15.85 4.50 -15.45
CA CYS B 186 15.87 3.25 -14.70
C CYS B 186 15.21 3.36 -13.33
N ALA B 187 15.30 2.29 -12.55
CA ALA B 187 14.67 2.31 -11.23
C ALA B 187 15.57 2.86 -10.12
N CYS B 188 16.87 2.81 -10.31
CA CYS B 188 17.81 3.26 -9.27
C CYS B 188 18.89 4.15 -9.84
N PRO B 189 18.52 5.37 -10.24
CA PRO B 189 19.55 6.22 -10.83
C PRO B 189 20.83 6.25 -9.99
N GLY B 190 20.68 6.34 -8.68
CA GLY B 190 21.82 6.40 -7.80
C GLY B 190 22.69 5.20 -7.93
N ARG B 191 22.10 4.03 -7.73
CA ARG B 191 22.88 2.81 -7.82
C ARG B 191 23.60 2.71 -9.14
N ASP B 192 22.80 2.71 -10.22
CA ASP B 192 23.33 2.51 -11.57
C ASP B 192 24.42 3.49 -11.96
N ARG B 193 24.26 4.76 -11.59
CA ARG B 193 25.29 5.73 -11.93
C ARG B 193 26.58 5.35 -11.25
N LYS B 194 26.46 4.95 -9.99
CA LYS B 194 27.62 4.55 -9.18
C LYS B 194 28.27 3.33 -9.79
N ALA B 195 27.46 2.49 -10.41
CA ALA B 195 27.96 1.29 -11.11
C ALA B 195 28.85 1.76 -12.25
N ASP B 196 28.30 2.55 -13.17
CA ASP B 196 29.05 3.07 -14.30
C ASP B 196 30.31 3.78 -13.83
N GLU B 197 30.23 4.44 -12.68
CA GLU B 197 31.39 5.17 -12.18
C GLU B 197 32.51 4.25 -11.63
N ASP B 198 32.11 3.12 -11.04
CA ASP B 198 33.09 2.17 -10.53
C ASP B 198 33.61 1.34 -11.70
N SER B 199 32.79 1.19 -12.74
CA SER B 199 33.18 0.43 -13.91
C SER B 199 34.41 1.03 -14.59
N ILE B 200 34.50 2.35 -14.64
CA ILE B 200 35.68 2.97 -15.25
C ILE B 200 36.83 3.02 -14.24
N ARG B 201 36.53 2.82 -12.96
CA ARG B 201 37.58 2.79 -11.93
C ARG B 201 38.38 1.49 -12.14
N LYS B 202 38.48 1.11 -13.41
CA LYS B 202 39.22 -0.06 -13.88
C LYS B 202 40.68 0.12 -13.47
N ALA C 5 -27.09 18.56 0.34
CA ALA C 5 -25.67 18.63 0.03
C ALA C 5 -24.84 19.06 1.24
N SER C 6 -23.56 18.68 1.22
CA SER C 6 -22.62 19.04 2.28
C SER C 6 -22.64 20.55 2.54
N PRO C 7 -23.14 20.97 3.73
CA PRO C 7 -23.37 22.34 4.26
C PRO C 7 -22.39 23.42 3.80
N SER C 8 -22.93 24.59 3.49
CA SER C 8 -22.12 25.71 2.99
C SER C 8 -21.14 26.38 3.97
N ASN C 9 -19.87 26.42 3.57
CA ASN C 9 -18.82 27.05 4.36
C ASN C 9 -18.44 28.40 3.73
N THR C 10 -19.34 28.98 2.95
CA THR C 10 -18.99 30.23 2.29
C THR C 10 -19.20 31.41 3.22
N ASP C 11 -18.14 32.18 3.42
CA ASP C 11 -18.20 33.38 4.26
C ASP C 11 -19.32 34.28 3.81
N TYR C 12 -20.21 34.66 4.73
CA TYR C 12 -21.33 35.51 4.35
C TYR C 12 -21.78 36.38 5.52
N PRO C 13 -21.22 37.60 5.60
CA PRO C 13 -21.47 38.62 6.62
C PRO C 13 -22.94 38.90 6.79
N GLY C 14 -23.71 38.70 5.71
CA GLY C 14 -25.14 38.89 5.72
C GLY C 14 -25.62 40.30 6.01
N PRO C 15 -26.95 40.48 6.10
CA PRO C 15 -27.61 41.76 6.38
C PRO C 15 -27.21 42.37 7.72
N HIS C 16 -26.79 41.58 8.69
CA HIS C 16 -26.45 42.15 10.00
C HIS C 16 -24.95 42.31 10.23
N SER C 17 -24.16 42.15 9.17
CA SER C 17 -22.71 42.27 9.28
C SER C 17 -22.17 41.37 10.39
N PHE C 18 -22.48 40.08 10.26
CA PHE C 18 -22.10 39.06 11.22
C PHE C 18 -20.61 38.77 11.15
N ASP C 19 -19.92 38.83 12.28
CA ASP C 19 -18.50 38.54 12.25
C ASP C 19 -18.04 37.86 13.54
N VAL C 20 -17.19 36.82 13.42
CA VAL C 20 -16.62 36.16 14.58
C VAL C 20 -15.13 36.46 14.67
N SER C 21 -14.61 36.48 15.89
CA SER C 21 -13.25 36.87 16.13
C SER C 21 -12.79 36.42 17.50
N PHE C 22 -11.47 36.51 17.73
CA PHE C 22 -10.94 36.08 19.00
C PHE C 22 -10.19 37.17 19.77
N GLN C 23 -10.32 37.19 21.09
CA GLN C 23 -9.59 38.14 21.93
C GLN C 23 -8.11 37.78 21.97
N GLN C 24 -7.35 38.44 22.82
CA GLN C 24 -5.92 38.15 22.93
C GLN C 24 -5.67 36.65 23.02
N SER C 25 -4.62 36.18 22.33
CA SER C 25 -4.29 34.77 22.34
C SER C 25 -3.20 34.44 23.38
N SER C 26 -2.94 35.40 24.25
CA SER C 26 -2.01 35.29 25.37
C SER C 26 -0.80 34.35 25.27
N THR C 27 -0.38 34.03 24.04
CA THR C 27 0.76 33.15 23.73
C THR C 27 1.22 32.24 24.90
N ALA C 28 1.74 32.87 25.96
CA ALA C 28 2.18 32.24 27.21
C ALA C 28 2.98 30.93 27.13
N LYS C 29 3.03 30.33 25.95
CA LYS C 29 3.73 29.06 25.72
C LYS C 29 2.88 27.89 26.24
N SER C 30 1.96 28.22 27.14
CA SER C 30 1.09 27.24 27.79
C SER C 30 -0.37 27.69 27.77
N ALA C 31 -0.75 28.45 26.75
CA ALA C 31 -2.12 28.91 26.67
C ALA C 31 -3.00 27.69 26.49
N THR C 32 -4.23 27.81 26.92
CA THR C 32 -5.20 26.73 26.76
C THR C 32 -5.71 26.70 25.30
N TRP C 33 -5.42 27.77 24.56
CA TRP C 33 -5.82 27.91 23.15
C TRP C 33 -5.17 29.15 22.56
N THR C 34 -5.07 29.19 21.24
CA THR C 34 -4.55 30.39 20.57
C THR C 34 -5.14 30.41 19.17
N TYR C 35 -5.25 31.59 18.56
CA TYR C 35 -5.89 31.71 17.24
C TYR C 35 -5.03 32.52 16.28
N SER C 36 -4.70 31.94 15.13
CA SER C 36 -3.93 32.63 14.11
C SER C 36 -4.85 33.40 13.16
N THR C 37 -4.59 34.70 12.99
CA THR C 37 -5.43 35.51 12.10
C THR C 37 -5.07 35.32 10.65
N GLU C 38 -3.80 34.98 10.39
CA GLU C 38 -3.33 34.82 9.02
C GLU C 38 -3.69 33.46 8.44
N LEU C 39 -3.97 32.50 9.32
CA LEU C 39 -4.35 31.17 8.88
C LEU C 39 -5.82 30.88 9.14
N LYS C 40 -6.53 31.83 9.74
CA LYS C 40 -7.95 31.65 10.05
C LYS C 40 -8.19 30.31 10.76
N LYS C 41 -7.20 29.88 11.55
CA LYS C 41 -7.22 28.58 12.24
C LYS C 41 -7.09 28.67 13.77
N LEU C 42 -8.05 28.05 14.47
CA LEU C 42 -8.05 27.98 15.93
C LEU C 42 -7.26 26.80 16.50
N TYR C 43 -6.32 27.05 17.39
CA TYR C 43 -5.58 25.96 18.07
C TYR C 43 -6.05 25.82 19.52
N CYS C 44 -6.52 24.65 19.94
CA CYS C 44 -6.93 24.53 21.32
C CYS C 44 -7.06 23.12 21.91
N GLN C 45 -6.67 23.00 23.17
CA GLN C 45 -6.69 21.77 23.91
C GLN C 45 -8.07 21.20 24.15
N ILE C 46 -8.16 19.87 24.16
CA ILE C 46 -9.43 19.17 24.31
C ILE C 46 -10.12 19.54 25.60
N ALA C 47 -11.42 19.80 25.53
CA ALA C 47 -12.27 20.11 26.69
C ALA C 47 -12.08 21.48 27.33
N LYS C 48 -10.92 22.08 27.11
CA LYS C 48 -10.69 23.40 27.65
C LYS C 48 -11.68 24.35 26.98
N THR C 49 -12.19 25.30 27.74
CA THR C 49 -13.18 26.21 27.20
C THR C 49 -12.57 27.23 26.22
N CYS C 50 -13.35 27.66 25.24
CA CYS C 50 -12.81 28.53 24.20
C CYS C 50 -13.68 29.76 23.88
N PRO C 51 -13.24 30.94 24.34
CA PRO C 51 -14.15 32.06 24.10
C PRO C 51 -14.08 32.59 22.65
N ILE C 52 -15.25 32.71 22.02
CA ILE C 52 -15.39 33.15 20.64
C ILE C 52 -16.23 34.43 20.64
N GLN C 53 -15.77 35.46 19.94
CA GLN C 53 -16.50 36.73 19.90
C GLN C 53 -17.33 36.92 18.62
N ILE C 54 -18.61 37.24 18.81
CA ILE C 54 -19.56 37.49 17.75
C ILE C 54 -19.87 38.98 17.73
N LYS C 55 -19.94 39.56 16.54
CA LYS C 55 -20.27 40.97 16.37
C LYS C 55 -21.35 41.14 15.28
N VAL C 56 -22.20 42.14 15.44
CA VAL C 56 -23.24 42.43 14.45
C VAL C 56 -23.42 43.93 14.43
N MET C 57 -23.73 44.47 13.25
CA MET C 57 -23.90 45.92 13.13
C MET C 57 -25.37 46.40 13.22
N THR C 58 -26.31 45.46 13.23
CA THR C 58 -27.75 45.72 13.36
C THR C 58 -28.32 44.48 14.04
N PRO C 59 -29.32 44.67 14.93
CA PRO C 59 -29.86 43.53 15.68
C PRO C 59 -30.50 42.50 14.80
N PRO C 60 -30.15 41.23 15.03
CA PRO C 60 -30.78 40.16 14.26
C PRO C 60 -32.22 39.96 14.73
N PRO C 61 -33.04 39.24 13.95
CA PRO C 61 -34.46 38.89 14.15
C PRO C 61 -34.87 38.57 15.58
N GLN C 62 -35.95 37.81 15.67
CA GLN C 62 -36.50 37.44 16.95
C GLN C 62 -35.78 36.25 17.57
N GLY C 63 -36.15 35.06 17.11
CA GLY C 63 -35.58 33.85 17.63
C GLY C 63 -34.19 33.61 17.08
N ALA C 64 -33.62 34.64 16.47
CA ALA C 64 -32.29 34.57 15.88
C ALA C 64 -31.34 33.69 16.72
N VAL C 65 -30.62 32.76 16.09
CA VAL C 65 -29.72 31.89 16.85
C VAL C 65 -28.31 31.71 16.28
N ILE C 66 -27.42 31.17 17.11
CA ILE C 66 -26.05 30.95 16.70
C ILE C 66 -25.75 29.48 16.82
N ARG C 67 -25.45 28.87 15.70
CA ARG C 67 -25.19 27.46 15.65
C ARG C 67 -23.77 27.24 15.23
N ALA C 68 -23.18 26.18 15.78
CA ALA C 68 -21.80 25.87 15.48
C ALA C 68 -21.79 24.42 15.06
N MET C 69 -21.17 24.17 13.92
CA MET C 69 -21.13 22.82 13.40
C MET C 69 -19.79 22.49 12.79
N PRO C 70 -19.26 21.33 13.17
CA PRO C 70 -17.98 20.92 12.61
C PRO C 70 -18.21 20.14 11.31
N VAL C 71 -17.26 20.25 10.39
CA VAL C 71 -17.29 19.51 9.15
C VAL C 71 -15.85 19.38 8.71
N TYR C 72 -15.53 18.28 8.02
CA TYR C 72 -14.16 18.00 7.57
C TYR C 72 -13.66 18.97 6.52
N LYS C 73 -12.40 19.34 6.64
CA LYS C 73 -11.84 20.33 5.74
C LYS C 73 -11.67 19.87 4.30
N LYS C 74 -11.10 18.66 4.12
CA LYS C 74 -10.84 18.07 2.78
C LYS C 74 -12.09 17.54 2.08
N ALA C 75 -12.14 17.75 0.77
CA ALA C 75 -13.26 17.26 -0.01
C ALA C 75 -13.41 15.76 0.19
N GLU C 76 -12.28 15.04 0.09
CA GLU C 76 -12.28 13.59 0.25
C GLU C 76 -13.06 13.09 1.48
N HIS C 77 -13.33 13.98 2.45
CA HIS C 77 -14.01 13.58 3.70
C HIS C 77 -15.29 14.32 4.03
N VAL C 78 -15.47 15.49 3.44
CA VAL C 78 -16.61 16.37 3.70
C VAL C 78 -17.99 15.73 3.93
N THR C 79 -18.18 14.51 3.44
CA THR C 79 -19.47 13.80 3.53
C THR C 79 -19.64 12.97 4.80
N GLU C 80 -18.57 12.90 5.60
CA GLU C 80 -18.64 12.17 6.86
C GLU C 80 -18.92 13.10 8.06
N VAL C 81 -20.00 12.83 8.79
CA VAL C 81 -20.33 13.63 9.95
C VAL C 81 -19.16 13.68 10.92
N VAL C 82 -18.91 14.86 11.51
CA VAL C 82 -17.85 14.96 12.52
C VAL C 82 -18.49 14.66 13.89
N LYS C 83 -18.02 13.61 14.56
CA LYS C 83 -18.51 13.26 15.89
C LYS C 83 -17.34 12.81 16.74
N ARG C 84 -17.63 12.60 18.01
CA ARG C 84 -16.63 12.10 18.95
C ARG C 84 -16.21 10.65 18.62
N CYS C 85 -14.93 10.33 18.86
CA CYS C 85 -14.46 8.97 18.71
C CYS C 85 -15.11 8.11 19.78
N PRO C 86 -15.23 6.79 19.54
CA PRO C 86 -15.92 5.90 20.47
C PRO C 86 -15.37 6.01 21.89
N ASN C 87 -14.06 5.91 22.01
CA ASN C 87 -13.37 6.01 23.29
C ASN C 87 -13.99 7.10 24.17
N HIS C 88 -13.97 8.33 23.65
CA HIS C 88 -14.49 9.50 24.36
C HIS C 88 -16.01 9.57 24.49
N GLU C 89 -16.72 8.89 23.61
CA GLU C 89 -18.18 8.89 23.66
C GLU C 89 -18.66 8.00 24.79
N LEU C 90 -17.91 6.92 24.98
CA LEU C 90 -18.24 5.93 25.98
C LEU C 90 -17.69 6.22 27.36
N SER C 91 -16.54 6.89 27.40
CA SER C 91 -15.85 7.19 28.65
C SER C 91 -16.72 7.93 29.65
N ARG C 92 -16.43 7.76 30.94
CA ARG C 92 -17.18 8.48 31.95
C ARG C 92 -16.61 9.88 31.96
N GLU C 93 -15.29 9.95 31.74
CA GLU C 93 -14.60 11.23 31.72
C GLU C 93 -15.29 12.22 30.76
N PHE C 94 -15.69 13.36 31.28
CA PHE C 94 -16.33 14.42 30.47
C PHE C 94 -17.82 14.21 30.24
N ASN C 95 -18.28 12.99 30.41
CA ASN C 95 -19.68 12.72 30.16
C ASN C 95 -20.43 12.61 31.48
N GLU C 96 -19.65 12.77 32.55
CA GLU C 96 -20.10 12.71 33.95
C GLU C 96 -21.57 13.05 34.17
N GLY C 97 -21.91 14.32 34.08
CA GLY C 97 -23.28 14.74 34.28
C GLY C 97 -23.63 15.83 33.29
N GLN C 98 -23.17 15.67 32.05
CA GLN C 98 -23.43 16.65 30.99
C GLN C 98 -24.80 16.53 30.35
N ILE C 99 -25.36 17.68 30.00
CA ILE C 99 -26.65 17.77 29.32
C ILE C 99 -26.47 17.45 27.84
N ALA C 100 -25.21 17.43 27.41
CA ALA C 100 -24.88 17.24 26.02
C ALA C 100 -24.68 15.79 25.62
N PRO C 101 -25.18 15.44 24.43
CA PRO C 101 -24.99 14.09 23.92
C PRO C 101 -23.50 13.77 23.93
N PRO C 102 -23.14 12.56 24.41
CA PRO C 102 -21.75 12.12 24.53
C PRO C 102 -21.03 11.94 23.20
N SER C 103 -21.77 11.98 22.11
CA SER C 103 -21.17 11.78 20.80
C SER C 103 -20.74 13.08 20.14
N HIS C 104 -21.44 14.17 20.51
CA HIS C 104 -21.22 15.52 19.97
C HIS C 104 -19.82 16.06 20.24
N LEU C 105 -19.17 16.59 19.21
CA LEU C 105 -17.81 17.10 19.33
C LEU C 105 -17.76 18.50 19.95
N ILE C 106 -18.66 19.37 19.50
CA ILE C 106 -18.70 20.72 19.95
C ILE C 106 -19.74 20.90 21.03
N ARG C 107 -19.34 21.52 22.14
CA ARG C 107 -20.31 21.82 23.20
C ARG C 107 -20.31 23.33 23.47
N VAL C 108 -21.24 23.76 24.31
CA VAL C 108 -21.24 25.13 24.73
C VAL C 108 -21.44 25.11 26.24
N GLU C 109 -20.58 25.84 26.97
CA GLU C 109 -20.74 25.96 28.42
C GLU C 109 -21.26 27.32 28.83
N GLY C 110 -21.84 27.40 30.02
CA GLY C 110 -22.38 28.65 30.52
C GLY C 110 -23.67 29.12 29.88
N ASN C 111 -24.42 28.21 29.25
CA ASN C 111 -25.69 28.57 28.65
C ASN C 111 -26.70 27.44 28.79
N SER C 112 -27.72 27.67 29.60
CA SER C 112 -28.77 26.69 29.87
C SER C 112 -29.65 26.42 28.65
N HIS C 113 -29.86 27.45 27.83
CA HIS C 113 -30.71 27.40 26.64
C HIS C 113 -30.02 26.71 25.47
N ALA C 114 -28.72 26.47 25.59
CA ALA C 114 -27.97 25.81 24.53
C ALA C 114 -28.77 24.58 24.20
N GLN C 115 -28.81 24.20 22.94
CA GLN C 115 -29.57 22.99 22.58
C GLN C 115 -28.92 22.21 21.46
N TYR C 116 -28.56 20.98 21.77
CA TYR C 116 -27.89 20.11 20.80
C TYR C 116 -28.89 19.50 19.82
N VAL C 117 -28.43 19.26 18.61
CA VAL C 117 -29.35 18.78 17.61
C VAL C 117 -28.70 17.88 16.59
N GLU C 118 -29.44 16.83 16.22
CA GLU C 118 -29.02 15.88 15.19
C GLU C 118 -30.01 15.99 14.06
N ASP C 119 -29.52 16.16 12.84
CA ASP C 119 -30.42 16.26 11.70
C ASP C 119 -30.93 14.87 11.39
N PRO C 120 -32.26 14.71 11.38
CA PRO C 120 -32.92 13.42 11.16
C PRO C 120 -32.50 12.77 9.85
N ILE C 121 -32.30 13.58 8.81
CA ILE C 121 -31.91 13.10 7.49
C ILE C 121 -30.40 13.08 7.29
N THR C 122 -29.74 14.21 7.52
CA THR C 122 -28.29 14.28 7.33
C THR C 122 -27.52 13.63 8.49
N GLY C 123 -28.13 13.59 9.67
CA GLY C 123 -27.48 13.01 10.84
C GLY C 123 -26.35 13.91 11.35
N ARG C 124 -26.34 15.15 10.89
CA ARG C 124 -25.31 16.09 11.29
C ARG C 124 -25.62 16.71 12.65
N GLN C 125 -24.57 16.86 13.45
CA GLN C 125 -24.71 17.40 14.78
C GLN C 125 -24.19 18.82 14.86
N SER C 126 -24.90 19.60 15.66
CA SER C 126 -24.54 20.96 15.85
C SER C 126 -25.11 21.36 17.21
N VAL C 127 -24.72 22.54 17.67
CA VAL C 127 -25.23 23.10 18.90
C VAL C 127 -25.62 24.56 18.63
N LEU C 128 -26.79 24.95 19.10
CA LEU C 128 -27.20 26.31 18.86
C LEU C 128 -27.36 26.97 20.19
N VAL C 129 -27.32 28.30 20.16
CA VAL C 129 -27.58 29.12 21.32
C VAL C 129 -28.43 30.24 20.81
N PRO C 130 -29.42 30.65 21.59
CA PRO C 130 -30.23 31.79 21.18
C PRO C 130 -29.33 33.03 21.18
N TYR C 131 -29.27 33.77 20.08
CA TYR C 131 -28.41 34.95 20.03
C TYR C 131 -28.87 35.98 21.03
N GLU C 132 -27.93 36.59 21.75
CA GLU C 132 -28.29 37.69 22.66
C GLU C 132 -27.34 38.86 22.45
N PRO C 133 -27.90 40.07 22.40
CA PRO C 133 -26.96 41.17 22.21
C PRO C 133 -25.96 41.25 23.37
N PRO C 134 -24.86 41.98 23.17
CA PRO C 134 -23.80 42.13 24.17
C PRO C 134 -24.35 42.83 25.38
N GLN C 135 -23.65 42.74 26.50
CA GLN C 135 -24.03 43.44 27.69
C GLN C 135 -23.80 44.93 27.43
N VAL C 136 -24.44 45.78 28.23
CA VAL C 136 -24.29 47.21 28.09
C VAL C 136 -22.81 47.59 28.08
N GLY C 137 -22.41 48.39 27.10
CA GLY C 137 -21.04 48.88 27.01
C GLY C 137 -20.04 47.90 26.43
N THR C 138 -20.51 46.70 26.14
CA THR C 138 -19.67 45.65 25.58
C THR C 138 -19.94 45.55 24.09
N GLU C 139 -18.89 45.44 23.25
CA GLU C 139 -19.14 45.36 21.82
C GLU C 139 -19.43 43.98 21.25
N PHE C 140 -19.00 42.94 21.98
CA PHE C 140 -19.16 41.57 21.51
C PHE C 140 -20.01 40.66 22.34
N THR C 141 -20.75 39.79 21.65
CA THR C 141 -21.51 38.78 22.34
C THR C 141 -20.48 37.69 22.46
N THR C 142 -20.40 37.04 23.62
CA THR C 142 -19.38 36.00 23.79
C THR C 142 -20.03 34.63 23.88
N VAL C 143 -19.45 33.67 23.19
CA VAL C 143 -19.94 32.30 23.23
C VAL C 143 -18.80 31.34 23.57
N LEU C 144 -18.97 30.61 24.68
CA LEU C 144 -17.98 29.66 25.14
C LEU C 144 -18.18 28.29 24.51
N TYR C 145 -17.23 27.86 23.68
CA TYR C 145 -17.32 26.57 23.05
C TYR C 145 -16.31 25.60 23.66
N ASN C 146 -16.68 24.31 23.74
CA ASN C 146 -15.81 23.23 24.20
C ASN C 146 -15.63 22.20 23.08
N PHE C 147 -14.39 21.77 22.86
CA PHE C 147 -14.13 20.76 21.83
C PHE C 147 -13.70 19.44 22.48
N MET C 148 -14.60 18.45 22.43
CA MET C 148 -14.45 17.18 23.14
C MET C 148 -13.60 16.03 22.58
N CYS C 149 -12.82 16.26 21.54
CA CYS C 149 -11.96 15.20 21.01
C CYS C 149 -10.75 15.87 20.41
N ASN C 150 -9.55 15.34 20.62
CA ASN C 150 -8.41 15.93 19.96
C ASN C 150 -8.63 15.62 18.50
N SER C 151 -7.85 16.24 17.62
CA SER C 151 -7.96 15.95 16.20
C SER C 151 -7.43 14.56 15.91
N SER C 152 -6.22 14.27 16.39
CA SER C 152 -5.60 12.96 16.19
C SER C 152 -6.35 11.79 16.83
N CYS C 153 -7.47 12.05 17.49
CA CYS C 153 -8.29 10.99 18.09
C CYS C 153 -8.59 9.83 17.13
N VAL C 154 -8.09 8.65 17.45
CA VAL C 154 -8.30 7.49 16.58
C VAL C 154 -9.77 7.07 16.63
N GLY C 155 -10.28 6.59 15.52
CA GLY C 155 -11.67 6.15 15.50
C GLY C 155 -12.63 7.31 15.48
N GLY C 156 -12.06 8.51 15.39
CA GLY C 156 -12.84 9.75 15.33
C GLY C 156 -12.22 10.55 14.20
N MET C 157 -11.90 11.80 14.46
CA MET C 157 -11.29 12.65 13.45
C MET C 157 -10.02 12.05 12.83
N ASN C 158 -9.39 11.10 13.51
CA ASN C 158 -8.18 10.46 13.01
C ASN C 158 -7.23 11.40 12.23
N ARG C 159 -6.86 12.52 12.82
CA ARG C 159 -6.02 13.57 12.21
C ARG C 159 -6.54 14.23 10.93
N ARG C 160 -7.87 14.21 10.74
CA ARG C 160 -8.49 14.86 9.57
C ARG C 160 -8.95 16.29 9.88
N PRO C 161 -8.24 17.31 9.36
CA PRO C 161 -8.58 18.70 9.68
C PRO C 161 -10.06 19.03 9.59
N ILE C 162 -10.52 19.85 10.53
CA ILE C 162 -11.92 20.25 10.45
C ILE C 162 -12.03 21.74 10.29
N LEU C 163 -13.26 22.18 10.12
CA LEU C 163 -13.56 23.58 10.02
C LEU C 163 -14.82 23.70 10.84
N ILE C 164 -14.93 24.82 11.54
CA ILE C 164 -16.12 25.05 12.34
C ILE C 164 -16.96 26.05 11.60
N ILE C 165 -18.26 25.82 11.60
CA ILE C 165 -19.14 26.69 10.88
C ILE C 165 -20.12 27.34 11.83
N VAL C 166 -19.80 28.57 12.21
CA VAL C 166 -20.69 29.32 13.08
C VAL C 166 -21.60 30.10 12.14
N THR C 167 -22.88 30.09 12.46
CA THR C 167 -23.88 30.66 11.61
C THR C 167 -24.94 31.36 12.44
N LEU C 168 -25.47 32.43 11.86
CA LEU C 168 -26.50 33.22 12.50
C LEU C 168 -27.73 32.85 11.73
N GLU C 169 -28.76 32.45 12.43
CA GLU C 169 -29.99 32.02 11.77
C GLU C 169 -31.23 32.65 12.34
N THR C 170 -32.27 32.57 11.54
CA THR C 170 -33.57 33.04 11.96
C THR C 170 -34.14 31.88 12.79
N ARG C 171 -35.04 32.21 13.70
CA ARG C 171 -35.66 31.22 14.56
C ARG C 171 -35.99 29.95 13.79
N ASP C 172 -36.36 30.10 12.52
CA ASP C 172 -36.72 28.95 11.69
C ASP C 172 -35.65 28.47 10.70
N GLY C 173 -34.39 28.48 11.14
CA GLY C 173 -33.31 27.96 10.33
C GLY C 173 -32.85 28.66 9.05
N GLN C 174 -33.36 29.84 8.76
CA GLN C 174 -32.84 30.55 7.60
C GLN C 174 -31.54 31.24 7.97
N VAL C 175 -30.48 30.90 7.24
CA VAL C 175 -29.17 31.46 7.51
C VAL C 175 -29.11 32.96 7.19
N LEU C 176 -28.76 33.74 8.21
CA LEU C 176 -28.66 35.20 8.11
C LEU C 176 -27.23 35.66 7.94
N GLY C 177 -26.27 34.77 8.15
CA GLY C 177 -24.86 35.08 8.03
C GLY C 177 -24.09 33.87 8.46
N ARG C 178 -22.85 33.76 7.99
CA ARG C 178 -22.03 32.59 8.27
C ARG C 178 -20.55 32.89 8.20
N ARG C 179 -19.78 32.43 9.18
CA ARG C 179 -18.32 32.55 9.11
C ARG C 179 -17.70 31.17 9.37
N CYS C 180 -16.46 31.00 8.96
CA CYS C 180 -15.79 29.75 9.16
C CYS C 180 -14.37 29.95 9.61
N PHE C 181 -13.79 28.91 10.18
CA PHE C 181 -12.38 28.90 10.57
C PHE C 181 -11.95 27.45 10.78
N GLU C 182 -10.70 27.13 10.49
CA GLU C 182 -10.26 25.76 10.72
C GLU C 182 -10.10 25.60 12.21
N ALA C 183 -10.22 24.37 12.69
CA ALA C 183 -10.08 24.09 14.11
C ALA C 183 -9.21 22.86 14.39
N ARG C 184 -7.97 23.08 14.87
CA ARG C 184 -7.09 21.99 15.26
C ARG C 184 -7.03 21.76 16.78
N ILE C 185 -7.79 20.80 17.27
CA ILE C 185 -7.78 20.45 18.70
C ILE C 185 -6.58 19.59 19.09
N CYS C 186 -5.56 20.17 19.71
CA CYS C 186 -4.36 19.42 20.11
C CYS C 186 -3.92 19.60 21.57
N ALA C 187 -2.81 19.00 21.94
CA ALA C 187 -2.31 19.12 23.31
C ALA C 187 -1.43 20.36 23.56
N CYS C 188 -0.69 20.84 22.56
CA CYS C 188 0.18 22.02 22.72
C CYS C 188 -0.06 23.08 21.65
N PRO C 189 -1.19 23.80 21.74
CA PRO C 189 -1.61 24.81 20.76
C PRO C 189 -0.49 25.79 20.50
N GLY C 190 0.28 26.09 21.54
CA GLY C 190 1.39 27.00 21.40
C GLY C 190 2.45 26.50 20.44
N ARG C 191 2.78 25.22 20.57
CA ARG C 191 3.80 24.60 19.73
C ARG C 191 3.29 24.37 18.31
N ASP C 192 2.12 23.73 18.21
CA ASP C 192 1.59 23.40 16.88
C ASP C 192 1.35 24.65 16.01
N ARG C 193 0.91 25.75 16.62
CA ARG C 193 0.68 26.99 15.88
C ARG C 193 1.98 27.60 15.37
N LYS C 194 3.00 27.63 16.23
CA LYS C 194 4.32 28.13 15.81
C LYS C 194 4.84 27.23 14.70
N ALA C 195 4.54 25.94 14.82
CA ALA C 195 4.94 24.97 13.82
C ALA C 195 4.37 25.38 12.47
N ASP C 196 3.04 25.56 12.41
CA ASP C 196 2.38 25.94 11.15
C ASP C 196 2.90 27.26 10.62
N GLU C 197 3.41 28.11 11.50
CA GLU C 197 3.93 29.39 11.06
C GLU C 197 5.32 29.29 10.46
N ASP C 198 6.18 28.46 11.06
CA ASP C 198 7.49 28.27 10.45
C ASP C 198 7.34 27.56 9.10
N SER C 199 6.46 26.57 9.07
CA SER C 199 6.20 25.75 7.88
C SER C 199 6.08 26.56 6.60
N ILE C 200 5.58 27.78 6.73
CA ILE C 200 5.48 28.66 5.59
C ILE C 200 6.59 29.70 5.71
N MET D 4 -11.21 -10.26 47.68
CA MET D 4 -9.83 -10.74 47.71
C MET D 4 -8.85 -9.62 47.41
N ALA D 5 -7.60 -10.02 47.20
CA ALA D 5 -6.51 -9.13 46.86
C ALA D 5 -6.17 -9.35 45.39
N SER D 6 -5.40 -8.44 44.79
CA SER D 6 -5.03 -8.58 43.39
C SER D 6 -4.11 -9.79 43.19
N PRO D 7 -4.28 -10.49 42.05
CA PRO D 7 -3.51 -11.69 41.70
C PRO D 7 -2.01 -11.52 41.86
N SER D 8 -1.41 -12.48 42.56
CA SER D 8 0.01 -12.50 42.86
C SER D 8 0.88 -12.51 41.59
N ASN D 9 2.11 -12.00 41.71
CA ASN D 9 3.04 -11.92 40.59
C ASN D 9 4.42 -12.42 40.98
N THR D 10 4.51 -13.22 42.03
CA THR D 10 5.82 -13.73 42.42
C THR D 10 6.04 -15.09 41.79
N ASP D 11 7.18 -15.22 41.14
CA ASP D 11 7.60 -16.49 40.58
C ASP D 11 7.51 -17.56 41.67
N TYR D 12 6.87 -18.67 41.30
CA TYR D 12 6.68 -19.85 42.14
C TYR D 12 6.72 -21.16 41.30
N PRO D 13 7.94 -21.70 41.11
CA PRO D 13 8.27 -22.89 40.32
C PRO D 13 7.30 -24.00 40.67
N GLY D 14 7.23 -24.28 41.96
CA GLY D 14 6.27 -25.26 42.44
C GLY D 14 6.80 -26.67 42.31
N PRO D 15 5.96 -27.63 42.72
CA PRO D 15 6.33 -29.05 42.76
C PRO D 15 6.80 -29.56 41.39
N HIS D 16 6.23 -29.04 40.30
CA HIS D 16 6.64 -29.48 38.96
C HIS D 16 7.76 -28.68 38.30
N SER D 17 8.44 -27.83 39.05
CA SER D 17 9.49 -26.97 38.47
C SER D 17 9.07 -26.18 37.21
N PHE D 18 7.85 -25.66 37.22
CA PHE D 18 7.28 -24.87 36.14
C PHE D 18 8.12 -23.63 35.80
N ASP D 19 8.46 -23.45 34.52
CA ASP D 19 9.26 -22.30 34.12
C ASP D 19 8.86 -21.79 32.75
N VAL D 20 9.09 -20.50 32.49
CA VAL D 20 8.80 -19.97 31.16
C VAL D 20 10.01 -19.27 30.55
N SER D 21 10.10 -19.35 29.22
CA SER D 21 11.23 -18.74 28.52
C SER D 21 10.90 -18.44 27.08
N PHE D 22 11.83 -17.82 26.38
CA PHE D 22 11.63 -17.42 24.99
C PHE D 22 12.83 -17.79 24.13
N GLN D 23 12.55 -18.33 22.93
CA GLN D 23 13.62 -18.71 22.00
C GLN D 23 14.46 -17.51 21.58
N ALA D 31 12.37 -7.51 14.15
CA ALA D 31 11.62 -8.74 14.42
C ALA D 31 10.23 -8.46 15.01
N THR D 32 9.30 -9.38 14.76
CA THR D 32 7.94 -9.25 15.26
C THR D 32 7.87 -9.27 16.80
N TRP D 33 8.99 -9.56 17.46
CA TRP D 33 9.04 -9.56 18.92
C TRP D 33 10.45 -9.80 19.43
N THR D 34 10.67 -9.50 20.70
CA THR D 34 11.98 -9.69 21.31
C THR D 34 11.79 -9.73 22.83
N TYR D 35 12.66 -10.45 23.52
CA TYR D 35 12.53 -10.59 24.95
C TYR D 35 13.84 -10.30 25.66
N SER D 36 13.81 -9.40 26.62
CA SER D 36 15.00 -9.01 27.37
C SER D 36 15.08 -9.84 28.63
N THR D 37 16.12 -10.65 28.76
CA THR D 37 16.18 -11.50 29.94
C THR D 37 16.60 -10.74 31.19
N GLU D 38 17.35 -9.65 31.02
CA GLU D 38 17.79 -8.91 32.19
C GLU D 38 16.66 -8.06 32.79
N LEU D 39 15.73 -7.65 31.93
CA LEU D 39 14.57 -6.84 32.35
C LEU D 39 13.28 -7.65 32.40
N LYS D 40 13.41 -8.98 32.27
CA LYS D 40 12.26 -9.87 32.24
C LYS D 40 11.09 -9.22 31.50
N LYS D 41 11.36 -8.65 30.33
CA LYS D 41 10.34 -7.92 29.59
C LYS D 41 10.18 -8.33 28.12
N LEU D 42 8.95 -8.59 27.72
CA LEU D 42 8.61 -8.96 26.35
C LEU D 42 8.25 -7.74 25.52
N TYR D 43 8.94 -7.48 24.43
CA TYR D 43 8.53 -6.37 23.57
C TYR D 43 7.89 -6.99 22.34
N CYS D 44 6.65 -6.65 22.03
CA CYS D 44 6.02 -7.27 20.87
C CYS D 44 4.91 -6.48 20.19
N GLN D 45 4.76 -6.70 18.89
CA GLN D 45 3.77 -6.00 18.08
C GLN D 45 2.36 -6.54 18.28
N ILE D 46 1.37 -5.70 18.00
CA ILE D 46 0.00 -6.08 18.26
C ILE D 46 -0.50 -7.22 17.38
N ALA D 47 -1.35 -8.08 17.94
CA ALA D 47 -1.96 -9.21 17.24
C ALA D 47 -0.98 -10.23 16.63
N LYS D 48 0.26 -9.79 16.36
CA LYS D 48 1.31 -10.67 15.88
C LYS D 48 1.45 -11.83 16.85
N THR D 49 1.90 -12.96 16.33
CA THR D 49 2.02 -14.19 17.10
C THR D 49 3.22 -14.21 18.07
N CYS D 50 2.96 -14.63 19.31
CA CYS D 50 4.01 -14.71 20.31
C CYS D 50 4.21 -16.12 20.88
N PRO D 51 5.38 -16.70 20.62
CA PRO D 51 5.71 -18.04 21.10
C PRO D 51 6.30 -18.05 22.49
N ILE D 52 5.67 -18.76 23.43
CA ILE D 52 6.23 -18.83 24.76
C ILE D 52 6.51 -20.27 25.14
N GLN D 53 7.71 -20.51 25.64
CA GLN D 53 8.14 -21.86 26.02
C GLN D 53 7.95 -22.28 27.47
N ILE D 54 7.02 -23.20 27.70
CA ILE D 54 6.80 -23.80 29.02
C ILE D 54 7.71 -25.00 29.28
N LYS D 55 8.23 -25.07 30.49
CA LYS D 55 9.09 -26.16 30.93
C LYS D 55 8.74 -26.69 32.32
N VAL D 56 8.60 -28.01 32.43
CA VAL D 56 8.38 -28.66 33.72
C VAL D 56 9.44 -29.76 33.89
N MET D 57 9.51 -30.36 35.07
CA MET D 57 10.50 -31.40 35.33
C MET D 57 9.84 -32.70 35.78
N THR D 58 8.53 -32.67 35.93
CA THR D 58 7.76 -33.85 36.26
C THR D 58 6.41 -33.52 35.65
N PRO D 59 5.59 -34.54 35.42
CA PRO D 59 4.34 -34.19 34.76
C PRO D 59 3.30 -33.65 35.72
N PRO D 60 2.64 -32.57 35.31
CA PRO D 60 1.55 -32.01 36.14
C PRO D 60 0.41 -33.03 36.19
N PRO D 61 -0.56 -32.80 37.08
CA PRO D 61 -1.72 -33.70 37.24
C PRO D 61 -2.56 -33.93 35.99
N GLN D 62 -3.86 -34.13 36.21
CA GLN D 62 -4.79 -34.45 35.14
C GLN D 62 -5.14 -33.29 34.23
N GLY D 63 -6.27 -32.68 34.53
CA GLY D 63 -6.76 -31.54 33.76
C GLY D 63 -5.89 -30.30 33.82
N ALA D 64 -4.64 -30.48 34.24
CA ALA D 64 -3.69 -29.39 34.34
C ALA D 64 -3.82 -28.42 33.17
N VAL D 65 -3.84 -27.13 33.51
CA VAL D 65 -3.99 -26.05 32.54
C VAL D 65 -2.89 -24.98 32.66
N ILE D 66 -2.83 -24.16 31.63
CA ILE D 66 -1.90 -23.06 31.60
C ILE D 66 -2.66 -21.76 31.39
N ARG D 67 -2.83 -21.03 32.47
CA ARG D 67 -3.53 -19.75 32.39
C ARG D 67 -2.60 -18.57 32.20
N ALA D 68 -3.03 -17.65 31.34
CA ALA D 68 -2.32 -16.41 31.11
C ALA D 68 -3.27 -15.29 31.53
N MET D 69 -2.85 -14.44 32.47
CA MET D 69 -3.67 -13.32 32.94
C MET D 69 -2.83 -12.09 32.99
N PRO D 70 -3.32 -10.99 32.39
CA PRO D 70 -2.60 -9.72 32.35
C PRO D 70 -3.02 -8.84 33.53
N VAL D 71 -2.09 -8.07 34.07
CA VAL D 71 -2.44 -7.21 35.19
C VAL D 71 -1.54 -5.98 35.18
N TYR D 72 -2.04 -4.83 35.67
CA TYR D 72 -1.20 -3.63 35.66
C TYR D 72 0.02 -3.80 36.56
N LYS D 73 1.16 -3.29 36.10
CA LYS D 73 2.40 -3.46 36.82
C LYS D 73 2.47 -2.63 38.08
N LYS D 74 2.07 -1.36 37.98
CA LYS D 74 2.10 -0.38 39.11
C LYS D 74 0.98 -0.48 40.15
N ALA D 75 1.31 -0.34 41.43
CA ALA D 75 0.28 -0.42 42.46
C ALA D 75 -0.88 0.55 42.19
N GLU D 76 -0.57 1.71 41.64
CA GLU D 76 -1.58 2.73 41.36
C GLU D 76 -2.71 2.23 40.46
N HIS D 77 -2.44 1.12 39.76
CA HIS D 77 -3.39 0.56 38.79
C HIS D 77 -3.81 -0.91 38.95
N VAL D 78 -3.15 -1.68 39.83
CA VAL D 78 -3.43 -3.12 39.92
C VAL D 78 -4.89 -3.47 40.03
N THR D 79 -5.64 -2.69 40.78
CA THR D 79 -7.03 -3.06 40.95
C THR D 79 -7.82 -2.96 39.65
N GLU D 80 -7.29 -2.30 38.62
CA GLU D 80 -8.04 -2.20 37.37
C GLU D 80 -7.85 -3.42 36.43
N VAL D 81 -8.95 -4.02 35.97
CA VAL D 81 -8.83 -5.14 35.03
C VAL D 81 -8.23 -4.63 33.74
N VAL D 82 -7.40 -5.45 33.10
CA VAL D 82 -6.75 -5.05 31.88
C VAL D 82 -7.61 -5.59 30.74
N LYS D 83 -8.05 -4.72 29.86
CA LYS D 83 -8.87 -5.13 28.74
C LYS D 83 -8.49 -4.32 27.56
N ARG D 84 -9.20 -4.61 26.48
CA ARG D 84 -8.97 -3.92 25.24
C ARG D 84 -9.65 -2.56 25.27
N CYS D 85 -9.07 -1.60 24.56
CA CYS D 85 -9.67 -0.28 24.53
C CYS D 85 -10.94 -0.37 23.73
N PRO D 86 -11.93 0.46 24.04
CA PRO D 86 -13.18 0.46 23.28
C PRO D 86 -12.91 0.47 21.78
N ASN D 87 -11.88 1.18 21.35
CA ASN D 87 -11.64 1.28 19.91
C ASN D 87 -11.49 -0.07 19.25
N HIS D 88 -10.54 -0.85 19.74
CA HIS D 88 -10.28 -2.17 19.17
C HIS D 88 -11.41 -3.17 19.49
N GLU D 89 -12.00 -3.05 20.67
CA GLU D 89 -13.06 -3.95 21.05
C GLU D 89 -14.23 -3.88 20.07
N LEU D 90 -14.50 -2.69 19.54
CA LEU D 90 -15.62 -2.51 18.62
C LEU D 90 -15.23 -2.58 17.13
N SER D 91 -13.94 -2.54 16.84
CA SER D 91 -13.47 -2.57 15.47
C SER D 91 -13.79 -3.90 14.79
N ARG D 92 -14.03 -3.87 13.49
CA ARG D 92 -14.22 -5.11 12.77
C ARG D 92 -12.85 -5.76 12.75
N GLU D 93 -11.81 -4.94 12.56
CA GLU D 93 -10.44 -5.44 12.51
C GLU D 93 -10.12 -6.41 13.65
N PHE D 94 -9.45 -7.53 13.31
CA PHE D 94 -9.08 -8.59 14.26
C PHE D 94 -10.28 -9.22 14.97
N ASN D 95 -11.50 -8.79 14.66
CA ASN D 95 -12.66 -9.33 15.36
C ASN D 95 -13.63 -10.18 14.54
N GLU D 96 -13.37 -10.31 13.24
CA GLU D 96 -14.29 -11.03 12.35
C GLU D 96 -14.66 -12.43 12.85
N GLY D 97 -13.95 -13.43 12.40
CA GLY D 97 -14.21 -14.78 12.86
C GLY D 97 -13.29 -15.06 14.02
N GLN D 98 -13.78 -14.83 15.24
CA GLN D 98 -12.95 -15.08 16.43
C GLN D 98 -13.73 -15.67 17.59
N ILE D 99 -13.15 -16.71 18.19
CA ILE D 99 -13.77 -17.38 19.33
C ILE D 99 -13.51 -16.58 20.61
N ALA D 100 -12.43 -15.79 20.59
CA ALA D 100 -12.08 -14.96 21.74
C ALA D 100 -13.03 -13.75 21.86
N PRO D 101 -13.44 -13.40 23.08
CA PRO D 101 -14.27 -12.20 23.17
C PRO D 101 -13.43 -11.02 22.71
N PRO D 102 -14.06 -10.05 22.05
CA PRO D 102 -13.34 -8.90 21.51
C PRO D 102 -12.71 -8.00 22.60
N SER D 103 -13.17 -8.11 23.85
CA SER D 103 -12.59 -7.33 24.93
C SER D 103 -11.24 -7.89 25.42
N HIS D 104 -11.12 -9.21 25.51
CA HIS D 104 -9.89 -9.84 25.99
C HIS D 104 -8.57 -9.38 25.35
N LEU D 105 -7.64 -8.98 26.20
CA LEU D 105 -6.42 -8.47 25.66
C LEU D 105 -5.53 -9.53 25.08
N ILE D 106 -5.34 -10.61 25.86
CA ILE D 106 -4.51 -11.76 25.47
C ILE D 106 -5.34 -12.84 24.79
N ARG D 107 -4.84 -13.31 23.65
CA ARG D 107 -5.46 -14.40 22.90
C ARG D 107 -4.42 -15.47 22.64
N VAL D 108 -4.91 -16.69 22.42
CA VAL D 108 -4.02 -17.79 22.05
C VAL D 108 -4.42 -18.32 20.67
N GLU D 109 -3.46 -18.38 19.76
CA GLU D 109 -3.70 -18.89 18.42
C GLU D 109 -3.11 -20.29 18.23
N GLY D 110 -3.82 -21.11 17.48
CA GLY D 110 -3.39 -22.46 17.19
C GLY D 110 -3.83 -23.51 18.20
N ASN D 111 -4.96 -23.29 18.85
CA ASN D 111 -5.44 -24.25 19.81
C ASN D 111 -6.93 -24.12 20.06
N SER D 112 -7.69 -25.04 19.46
CA SER D 112 -9.14 -25.07 19.56
C SER D 112 -9.66 -25.30 20.98
N HIS D 113 -8.81 -25.77 21.89
CA HIS D 113 -9.28 -26.03 23.25
C HIS D 113 -9.14 -24.80 24.16
N ALA D 114 -8.46 -23.79 23.65
CA ALA D 114 -8.26 -22.55 24.38
C ALA D 114 -9.59 -22.06 24.86
N GLN D 115 -9.68 -21.73 26.14
CA GLN D 115 -10.95 -21.21 26.65
C GLN D 115 -10.83 -19.86 27.42
N TYR D 116 -11.57 -18.86 26.94
CA TYR D 116 -11.53 -17.56 27.56
C TYR D 116 -12.50 -17.47 28.71
N VAL D 117 -12.01 -16.87 29.80
CA VAL D 117 -12.81 -16.76 31.01
C VAL D 117 -12.78 -15.35 31.63
N GLU D 118 -13.88 -15.00 32.28
CA GLU D 118 -14.01 -13.75 32.98
C GLU D 118 -14.59 -14.07 34.33
N ASP D 119 -13.82 -13.82 35.37
CA ASP D 119 -14.30 -14.09 36.71
C ASP D 119 -15.59 -13.32 36.97
N PRO D 120 -16.61 -14.02 37.48
CA PRO D 120 -17.92 -13.42 37.78
C PRO D 120 -17.81 -12.35 38.84
N ILE D 121 -16.87 -12.52 39.76
CA ILE D 121 -16.73 -11.57 40.86
C ILE D 121 -15.66 -10.49 40.60
N THR D 122 -14.43 -10.90 40.35
CA THR D 122 -13.36 -9.94 40.12
C THR D 122 -13.46 -9.23 38.75
N GLY D 123 -14.20 -9.81 37.82
CA GLY D 123 -14.33 -9.21 36.49
C GLY D 123 -13.07 -9.39 35.66
N ARG D 124 -12.12 -10.17 36.16
CA ARG D 124 -10.87 -10.38 35.45
C ARG D 124 -10.90 -11.36 34.31
N GLN D 125 -10.15 -11.05 33.26
CA GLN D 125 -10.18 -11.89 32.10
C GLN D 125 -8.83 -12.52 31.80
N SER D 126 -8.86 -13.82 31.44
CA SER D 126 -7.65 -14.56 31.10
C SER D 126 -8.04 -15.59 30.08
N VAL D 127 -7.06 -16.38 29.64
CA VAL D 127 -7.31 -17.44 28.69
C VAL D 127 -6.52 -18.70 29.11
N LEU D 128 -7.21 -19.83 29.23
CA LEU D 128 -6.54 -21.08 29.59
C LEU D 128 -6.38 -21.96 28.41
N VAL D 129 -5.39 -22.82 28.51
CA VAL D 129 -5.07 -23.80 27.51
C VAL D 129 -4.74 -25.06 28.32
N PRO D 130 -5.36 -26.20 27.99
CA PRO D 130 -5.00 -27.46 28.66
C PRO D 130 -3.52 -27.75 28.46
N TYR D 131 -2.88 -28.23 29.52
CA TYR D 131 -1.48 -28.55 29.43
C TYR D 131 -1.28 -29.89 28.72
N GLU D 132 -0.29 -29.90 27.85
CA GLU D 132 0.10 -31.07 27.11
C GLU D 132 1.62 -31.02 27.10
N PRO D 133 2.25 -32.17 27.32
CA PRO D 133 3.71 -32.27 27.35
C PRO D 133 4.27 -31.94 25.98
N PRO D 134 5.59 -31.74 25.90
CA PRO D 134 6.25 -31.37 24.65
C PRO D 134 6.13 -32.47 23.62
N GLN D 135 6.44 -32.16 22.36
CA GLN D 135 6.41 -33.20 21.33
C GLN D 135 7.62 -34.09 21.62
N VAL D 136 7.52 -35.37 21.26
CA VAL D 136 8.62 -36.32 21.48
C VAL D 136 9.94 -35.72 20.98
N GLY D 137 10.99 -35.82 21.78
CA GLY D 137 12.27 -35.28 21.37
C GLY D 137 12.39 -33.77 21.54
N THR D 138 11.31 -33.14 22.02
CA THR D 138 11.29 -31.72 22.28
C THR D 138 11.37 -31.59 23.81
N GLU D 139 12.00 -30.52 24.31
CA GLU D 139 12.05 -30.31 25.77
C GLU D 139 11.02 -29.29 26.29
N PHE D 140 10.35 -28.58 25.37
CA PHE D 140 9.40 -27.52 25.71
C PHE D 140 7.99 -27.63 25.13
N THR D 141 6.95 -27.44 25.96
CA THR D 141 5.59 -27.34 25.44
C THR D 141 5.51 -25.89 24.99
N THR D 142 5.05 -25.63 23.78
CA THR D 142 4.96 -24.25 23.34
C THR D 142 3.52 -23.72 23.25
N VAL D 143 3.30 -22.53 23.82
CA VAL D 143 1.99 -21.90 23.70
C VAL D 143 2.18 -20.63 22.89
N LEU D 144 1.24 -20.39 22.01
CA LEU D 144 1.28 -19.23 21.12
C LEU D 144 0.23 -18.24 21.58
N TYR D 145 0.71 -17.05 21.94
CA TYR D 145 -0.15 -16.00 22.44
C TYR D 145 -0.16 -14.78 21.53
N ASN D 146 -1.31 -14.10 21.49
CA ASN D 146 -1.49 -12.86 20.74
C ASN D 146 -2.03 -11.80 21.69
N PHE D 147 -1.46 -10.59 21.65
CA PHE D 147 -1.90 -9.45 22.49
C PHE D 147 -2.58 -8.43 21.60
N MET D 148 -3.86 -8.20 21.83
CA MET D 148 -4.69 -7.38 20.93
C MET D 148 -4.80 -5.84 21.05
N CYS D 149 -3.96 -5.21 21.87
CA CYS D 149 -3.95 -3.75 22.01
C CYS D 149 -2.52 -3.35 22.19
N ASN D 150 -2.24 -2.10 21.87
CA ASN D 150 -0.91 -1.57 22.10
C ASN D 150 -0.88 -1.13 23.55
N SER D 151 0.29 -1.11 24.16
CA SER D 151 0.35 -0.68 25.54
C SER D 151 -0.25 0.71 25.60
N SER D 152 0.08 1.50 24.59
CA SER D 152 -0.35 2.89 24.52
C SER D 152 -1.82 3.14 24.19
N CYS D 153 -2.60 2.12 23.89
CA CYS D 153 -3.99 2.38 23.53
C CYS D 153 -4.76 3.33 24.50
N VAL D 154 -5.13 4.50 23.98
CA VAL D 154 -5.96 5.45 24.71
C VAL D 154 -7.27 4.76 24.90
N GLY D 155 -7.88 4.89 26.06
CA GLY D 155 -9.17 4.28 26.29
C GLY D 155 -8.90 2.98 27.00
N GLY D 156 -7.69 2.43 26.82
CA GLY D 156 -7.34 1.17 27.46
C GLY D 156 -6.13 1.23 28.36
N MET D 157 -5.08 0.49 28.04
CA MET D 157 -3.91 0.51 28.88
C MET D 157 -3.41 1.97 29.09
N ASN D 158 -3.58 2.80 28.07
CA ASN D 158 -3.14 4.17 28.18
C ASN D 158 -1.71 4.29 28.63
N ARG D 159 -0.85 3.48 28.04
CA ARG D 159 0.58 3.44 28.28
C ARG D 159 1.00 2.92 29.63
N ARG D 160 0.05 2.38 30.37
CA ARG D 160 0.37 1.87 31.71
C ARG D 160 0.95 0.49 31.54
N PRO D 161 2.13 0.24 32.10
CA PRO D 161 2.81 -1.05 31.97
C PRO D 161 2.02 -2.20 32.59
N ILE D 162 2.11 -3.39 31.98
CA ILE D 162 1.41 -4.55 32.52
C ILE D 162 2.40 -5.70 32.62
N LEU D 163 2.04 -6.66 33.46
CA LEU D 163 2.79 -7.89 33.64
C LEU D 163 1.97 -9.01 33.04
N ILE D 164 2.61 -10.09 32.63
CA ILE D 164 1.86 -11.25 32.19
C ILE D 164 2.02 -12.36 33.23
N ILE D 165 0.90 -12.84 33.75
CA ILE D 165 0.98 -13.87 34.76
C ILE D 165 0.51 -15.19 34.19
N VAL D 166 1.49 -16.01 33.84
CA VAL D 166 1.25 -17.33 33.30
C VAL D 166 1.35 -18.28 34.49
N THR D 167 0.23 -18.97 34.72
CA THR D 167 0.05 -19.85 35.85
C THR D 167 -0.29 -21.35 35.51
N LEU D 168 0.51 -22.30 36.01
CA LEU D 168 0.20 -23.73 35.79
C LEU D 168 -0.82 -24.09 36.84
N GLU D 169 -1.96 -24.64 36.45
CA GLU D 169 -3.00 -24.92 37.44
C GLU D 169 -3.60 -26.32 37.38
N THR D 170 -4.20 -26.72 38.49
CA THR D 170 -4.90 -27.97 38.62
C THR D 170 -6.19 -27.85 37.79
N ARG D 171 -6.79 -28.97 37.43
CA ARG D 171 -8.03 -28.92 36.67
C ARG D 171 -9.04 -28.01 37.35
N ASP D 172 -8.97 -27.90 38.68
CA ASP D 172 -9.90 -27.05 39.45
C ASP D 172 -9.33 -25.70 39.89
N GLY D 173 -8.30 -25.23 39.19
CA GLY D 173 -7.75 -23.93 39.45
C GLY D 173 -6.83 -23.68 40.64
N GLN D 174 -6.41 -24.74 41.32
CA GLN D 174 -5.45 -24.57 42.39
C GLN D 174 -4.14 -24.29 41.65
N VAL D 175 -3.44 -23.24 42.04
CA VAL D 175 -2.22 -22.87 41.31
C VAL D 175 -1.13 -23.84 41.73
N LEU D 176 -0.39 -24.36 40.74
CA LEU D 176 0.69 -25.32 41.00
C LEU D 176 2.03 -24.68 40.72
N GLY D 177 2.00 -23.70 39.82
CA GLY D 177 3.21 -23.01 39.43
C GLY D 177 2.86 -21.65 38.87
N ARG D 178 3.83 -20.74 38.89
CA ARG D 178 3.63 -19.37 38.42
C ARG D 178 4.92 -18.66 38.03
N ARG D 179 4.93 -18.05 36.84
CA ARG D 179 6.07 -17.24 36.41
C ARG D 179 5.51 -15.94 35.83
N CYS D 180 6.28 -14.86 35.88
CA CYS D 180 5.83 -13.57 35.39
C CYS D 180 6.89 -12.84 34.63
N PHE D 181 6.44 -11.96 33.75
CA PHE D 181 7.30 -11.15 32.92
C PHE D 181 6.48 -9.93 32.46
N GLU D 182 7.14 -8.78 32.31
CA GLU D 182 6.42 -7.59 31.91
C GLU D 182 6.23 -7.69 30.42
N ALA D 183 5.15 -7.12 29.93
CA ALA D 183 4.90 -7.12 28.51
C ALA D 183 4.66 -5.70 28.00
N ARG D 184 5.39 -5.30 26.97
CA ARG D 184 5.15 -4.03 26.33
C ARG D 184 4.74 -4.29 24.88
N ILE D 185 3.47 -4.09 24.56
CA ILE D 185 3.04 -4.27 23.18
C ILE D 185 3.14 -2.92 22.47
N CYS D 186 4.10 -2.79 21.56
CA CYS D 186 4.29 -1.55 20.84
C CYS D 186 4.41 -1.71 19.32
N ALA D 187 4.90 -0.65 18.69
CA ALA D 187 5.05 -0.63 17.26
C ALA D 187 6.42 -1.10 16.83
N CYS D 188 7.46 -0.70 17.55
CA CYS D 188 8.83 -1.08 17.19
C CYS D 188 9.52 -1.79 18.35
N PRO D 189 9.27 -3.10 18.52
CA PRO D 189 9.91 -3.74 19.67
C PRO D 189 11.41 -3.48 19.73
N GLY D 190 12.07 -3.57 18.57
CA GLY D 190 13.48 -3.31 18.51
C GLY D 190 13.88 -1.96 19.08
N ARG D 191 13.30 -0.90 18.51
CA ARG D 191 13.60 0.46 18.97
C ARG D 191 13.44 0.64 20.47
N ASP D 192 12.24 0.33 20.94
CA ASP D 192 11.91 0.50 22.34
C ASP D 192 12.79 -0.30 23.30
N ARG D 193 13.10 -1.56 22.95
CA ARG D 193 13.96 -2.35 23.83
C ARG D 193 15.34 -1.70 23.94
N LYS D 194 15.87 -1.20 22.81
CA LYS D 194 17.18 -0.59 22.81
C LYS D 194 17.14 0.65 23.70
N ALA D 195 16.05 1.38 23.58
CA ALA D 195 15.79 2.58 24.38
C ALA D 195 15.94 2.31 25.86
N ASP D 196 15.10 1.40 26.38
CA ASP D 196 15.15 1.03 27.79
C ASP D 196 16.52 0.56 28.15
N GLU D 197 17.12 -0.20 27.23
CA GLU D 197 18.45 -0.71 27.46
C GLU D 197 19.45 0.43 27.62
N ASP D 198 19.49 1.35 26.66
CA ASP D 198 20.40 2.49 26.78
C ASP D 198 20.04 3.31 28.02
N SER D 199 18.74 3.37 28.33
CA SER D 199 18.24 4.16 29.46
C SER D 199 18.78 3.71 30.82
N ILE D 200 18.94 2.39 31.01
CA ILE D 200 19.49 1.82 32.25
C ILE D 200 21.01 1.92 32.24
N ARG D 201 21.60 1.81 31.05
CA ARG D 201 23.05 1.94 30.90
C ARG D 201 23.44 3.36 31.33
N LYS D 202 22.45 4.12 31.79
CA LYS D 202 22.61 5.48 32.29
C LYS D 202 22.00 5.59 33.70
ZN ZN G . 5.74 -11.90 -22.45
ZN ZN H . 7.76 0.85 -21.24
ZN ZN I . -11.83 11.30 21.07
ZN ZN J . -6.52 -0.92 21.73
#